data_6DYT
#
_entry.id   6DYT
#
_cell.length_a   59.640
_cell.length_b   133.270
_cell.length_c   145.070
_cell.angle_alpha   90.000
_cell.angle_beta   90.000
_cell.angle_gamma   90.000
#
_symmetry.space_group_name_H-M   'P 2 21 21'
#
loop_
_entity.id
_entity.type
_entity.pdbx_description
1 polymer 'Tyrosine phenol-lyase'
2 non-polymer 'POTASSIUM ION'
3 non-polymer (E)-N-({3-hydroxy-2-methyl-5-[(phosphonooxy)methyl]pyridin-4-yl}methylidene)-L-alanine
4 non-polymer "ALANYL-PYRIDOXAL-5'-PHOSPHATE"
5 non-polymer 3,6,9,12,15,18-HEXAOXAICOSANE-1,20-DIOL
6 water water
#
_entity_poly.entity_id   1
_entity_poly.type   'polypeptide(L)'
_entity_poly.pdbx_seq_one_letter_code
;MNYPAEPFRIKSVETVSMIPRDERLKKMQEAGYNTFLLNSKDIYIDLLTDSGTNAMSDKQWAGMMMGDEAYAGSENFYHL
ERTVQELFGFKHIVPTHQGRGAENLLSQLAIKPGQYVAGNMYFTTTRYHQEKNGAVFVDIVRDEAHDAGLNIAFKGDIDL
KKLQKLIDEKGAENIAYICLAVTVNLAGGQPVSMANMRAVRELTAAHGIKVFYDATRCVENAYFIKEQEQGFENKSIAEI
VHEMFSYADGCTMSGKKDCLVNIGGFLCMNDDEMFSSAKELVVVYEGMPSYGGLAGRDMEAMAIGLREAMQYEYIEHRVK
QVRYLGDKLKAAGVPIVEPVGGHAVFLDARRFCEHLTQDEFPAQSLAASIYVETGVRSMERGIISAGRNNVTGEHHRPKL
ETVRLTIPRRVYTYAHMDVVADGIIKLYQHKEDIRGLKFIYEPKQLRAFTARFDYI
;
_entity_poly.pdbx_strand_id   A,B
#
loop_
_chem_comp.id
_chem_comp.type
_chem_comp.name
_chem_comp.formula
K non-polymer 'POTASSIUM ION' 'K 1'
P33 non-polymer 3,6,9,12,15,18-HEXAOXAICOSANE-1,20-DIOL 'C14 H30 O8'
PP3 non-polymer ALANYL-PYRIDOXAL-5'-PHOSPHATE 'C11 H17 N2 O7 P'
#
# COMPACT_ATOMS: atom_id res chain seq x y z
N ASN A 2 2.00 37.25 17.75
CA ASN A 2 3.03 36.27 18.10
C ASN A 2 2.65 34.90 17.56
N TYR A 3 1.43 34.47 17.86
CA TYR A 3 0.90 33.20 17.34
C TYR A 3 -0.22 33.50 16.38
N PRO A 4 -0.10 33.13 15.10
CA PRO A 4 -1.13 33.50 14.12
C PRO A 4 -2.36 32.62 14.21
N ALA A 5 -3.49 33.20 13.81
CA ALA A 5 -4.72 32.44 13.70
C ALA A 5 -4.64 31.48 12.51
N GLU A 6 -5.59 30.55 12.46
CA GLU A 6 -5.62 29.56 11.39
C GLU A 6 -5.80 30.26 10.05
N PRO A 7 -4.90 30.03 9.08
CA PRO A 7 -5.04 30.67 7.76
C PRO A 7 -5.99 29.89 6.85
N PHE A 8 -7.13 29.49 7.41
CA PHE A 8 -8.15 28.73 6.69
C PHE A 8 -9.41 28.81 7.55
N ARG A 9 -10.53 28.41 6.96
CA ARG A 9 -11.78 28.26 7.69
C ARG A 9 -12.11 26.79 7.85
N ILE A 10 -13.03 26.49 8.75
CA ILE A 10 -13.48 25.12 8.93
C ILE A 10 -14.55 24.84 7.89
N LYS A 11 -14.32 23.84 7.05
CA LYS A 11 -15.33 23.46 6.06
C LYS A 11 -16.29 22.41 6.61
N SER A 12 -15.77 21.39 7.26
CA SER A 12 -16.60 20.36 7.88
C SER A 12 -15.95 19.89 9.17
N VAL A 13 -16.78 19.43 10.11
CA VAL A 13 -16.32 19.05 11.43
C VAL A 13 -16.54 17.56 11.66
N GLU A 14 -15.87 17.04 12.68
CA GLU A 14 -15.98 15.66 13.12
C GLU A 14 -16.34 15.66 14.60
N THR A 15 -17.41 14.97 14.96
CA THR A 15 -17.85 14.98 16.35
C THR A 15 -16.86 14.24 17.24
N VAL A 16 -16.64 14.77 18.44
CA VAL A 16 -15.76 14.14 19.42
C VAL A 16 -16.51 14.06 20.75
N SER A 17 -15.99 13.22 21.64
CA SER A 17 -16.63 12.96 22.92
C SER A 17 -15.59 12.46 23.90
N MET A 18 -15.79 12.77 25.17
CA MET A 18 -14.88 12.41 26.24
C MET A 18 -15.57 11.43 27.18
N ILE A 19 -15.01 10.23 27.32
CA ILE A 19 -15.54 9.21 28.21
C ILE A 19 -15.02 9.52 29.61
N PRO A 20 -15.73 9.14 30.67
CA PRO A 20 -15.28 9.50 32.02
C PRO A 20 -13.98 8.81 32.39
N ARG A 21 -13.42 9.24 33.52
CA ARG A 21 -12.13 8.71 33.95
C ARG A 21 -12.22 7.23 34.29
N ASP A 22 -13.32 6.82 34.93
CA ASP A 22 -13.47 5.41 35.32
C ASP A 22 -13.51 4.50 34.10
N GLU A 23 -14.02 5.00 32.96
CA GLU A 23 -14.01 4.20 31.75
C GLU A 23 -12.66 4.30 31.04
N ARG A 24 -12.05 5.48 31.07
CA ARG A 24 -10.69 5.63 30.54
C ARG A 24 -9.72 4.71 31.26
N LEU A 25 -9.91 4.51 32.56
CA LEU A 25 -9.06 3.59 33.31
C LEU A 25 -9.24 2.15 32.82
N LYS A 26 -10.49 1.72 32.62
CA LYS A 26 -10.72 0.37 32.14
C LYS A 26 -10.22 0.19 30.70
N LYS A 27 -10.38 1.22 29.88
CA LYS A 27 -9.83 1.18 28.53
C LYS A 27 -8.32 1.04 28.56
N MET A 28 -7.67 1.78 29.46
CA MET A 28 -6.21 1.70 29.55
C MET A 28 -5.77 0.33 30.04
N GLN A 29 -6.53 -0.27 30.95
CA GLN A 29 -6.23 -1.64 31.40
C GLN A 29 -6.53 -2.64 30.29
N GLU A 30 -7.61 -2.44 29.53
CA GLU A 30 -7.90 -3.29 28.39
C GLU A 30 -6.80 -3.20 27.35
N ALA A 31 -6.19 -2.04 27.20
CA ALA A 31 -5.09 -1.84 26.26
C ALA A 31 -3.73 -2.26 26.82
N GLY A 32 -3.71 -2.93 27.97
CA GLY A 32 -2.45 -3.30 28.59
C GLY A 32 -1.58 -2.13 28.93
N TYR A 33 -2.18 -0.98 29.25
CA TYR A 33 -1.46 0.26 29.57
C TYR A 33 -0.60 0.72 28.39
N ASN A 34 -1.01 0.36 27.18
CA ASN A 34 -0.33 0.76 25.95
C ASN A 34 -1.30 1.62 25.14
N THR A 35 -0.96 2.90 24.97
CA THR A 35 -1.82 3.80 24.21
C THR A 35 -2.01 3.34 22.77
N PHE A 36 -1.12 2.50 22.25
CA PHE A 36 -1.26 1.97 20.89
C PHE A 36 -2.48 1.05 20.76
N LEU A 37 -3.00 0.53 21.86
CA LEU A 37 -4.10 -0.42 21.84
C LEU A 37 -5.45 0.21 22.18
N LEU A 38 -5.50 1.52 22.42
CA LEU A 38 -6.76 2.19 22.68
C LEU A 38 -7.56 2.34 21.39
N ASN A 39 -8.89 2.29 21.53
CA ASN A 39 -9.79 2.49 20.40
C ASN A 39 -9.97 3.97 20.10
N SER A 40 -10.04 4.31 18.81
CA SER A 40 -10.15 5.71 18.40
C SER A 40 -11.39 6.38 18.96
N LYS A 41 -12.51 5.65 19.01
CA LYS A 41 -13.76 6.24 19.47
C LYS A 41 -13.73 6.66 20.94
N ASP A 42 -12.78 6.15 21.71
CA ASP A 42 -12.69 6.44 23.13
C ASP A 42 -11.69 7.56 23.45
N ILE A 43 -11.31 8.34 22.45
CA ILE A 43 -10.24 9.32 22.58
C ILE A 43 -10.79 10.70 22.23
N TYR A 44 -10.54 11.66 23.12
CA TYR A 44 -10.97 13.03 22.91
C TYR A 44 -10.06 13.75 21.92
N ILE A 45 -8.79 13.88 22.26
CA ILE A 45 -7.78 14.51 21.41
C ILE A 45 -6.69 13.47 21.16
N ASP A 46 -6.56 13.04 19.92
CA ASP A 46 -5.69 11.91 19.56
C ASP A 46 -4.38 12.47 19.01
N LEU A 47 -3.39 12.61 19.90
CA LEU A 47 -2.07 13.10 19.55
C LEU A 47 -1.06 11.96 19.38
N LEU A 48 -1.52 10.78 18.95
CA LEU A 48 -0.63 9.65 18.80
C LEU A 48 0.40 9.88 17.70
N THR A 49 -0.02 10.48 16.58
CA THR A 49 0.89 10.69 15.48
C THR A 49 0.33 11.76 14.55
N ASP A 50 1.22 12.39 13.80
CA ASP A 50 0.85 13.30 12.71
C ASP A 50 0.83 12.59 11.37
N SER A 51 0.85 11.27 11.36
CA SER A 51 0.95 10.48 10.14
C SER A 51 -0.45 10.07 9.69
N GLY A 52 -0.87 10.58 8.52
CA GLY A 52 -2.14 10.19 7.94
C GLY A 52 -3.37 10.68 8.67
N THR A 53 -3.21 11.53 9.68
CA THR A 53 -4.32 12.02 10.48
C THR A 53 -4.72 13.44 10.14
N ASN A 54 -4.21 13.98 9.03
CA ASN A 54 -4.40 15.37 8.67
C ASN A 54 -5.81 15.61 8.14
N ALA A 55 -6.23 16.87 8.18
CA ALA A 55 -7.46 17.29 7.53
C ALA A 55 -7.14 17.82 6.14
N MET A 56 -7.91 17.37 5.15
CA MET A 56 -7.69 17.82 3.78
C MET A 56 -8.50 19.08 3.50
N SER A 57 -8.18 19.73 2.39
CA SER A 57 -8.86 20.97 2.03
C SER A 57 -10.03 20.69 1.09
N ASP A 58 -10.81 21.75 0.82
CA ASP A 58 -11.88 21.63 -0.16
C ASP A 58 -11.32 21.32 -1.54
N LYS A 59 -10.16 21.87 -1.89
CA LYS A 59 -9.53 21.56 -3.17
C LYS A 59 -9.16 20.09 -3.27
N GLN A 60 -8.60 19.53 -2.19
CA GLN A 60 -8.24 18.12 -2.21
C GLN A 60 -9.47 17.23 -2.34
N TRP A 61 -10.55 17.55 -1.59
CA TRP A 61 -11.76 16.76 -1.69
C TRP A 61 -12.41 16.91 -3.06
N ALA A 62 -12.24 18.05 -3.72
CA ALA A 62 -12.70 18.18 -5.10
C ALA A 62 -11.93 17.23 -5.99
N GLY A 63 -10.61 17.09 -5.77
CA GLY A 63 -9.84 16.11 -6.50
C GLY A 63 -10.25 14.69 -6.20
N MET A 64 -10.71 14.42 -4.97
CA MET A 64 -11.17 13.08 -4.61
C MET A 64 -12.36 12.65 -5.46
N MET A 65 -13.21 13.60 -5.85
CA MET A 65 -14.35 13.27 -6.71
C MET A 65 -13.93 13.02 -8.16
N MET A 66 -12.69 13.32 -8.52
CA MET A 66 -12.20 13.17 -9.89
C MET A 66 -11.14 12.08 -9.99
N GLY A 67 -11.31 11.01 -9.22
CA GLY A 67 -10.37 9.90 -9.27
C GLY A 67 -10.44 9.21 -10.62
N ASP A 68 -9.33 9.18 -11.34
CA ASP A 68 -9.18 8.39 -12.57
C ASP A 68 -8.55 7.07 -12.14
N GLU A 69 -9.38 6.03 -11.99
CA GLU A 69 -8.96 4.80 -11.35
C GLU A 69 -8.33 3.81 -12.32
N ALA A 70 -7.95 4.25 -13.51
CA ALA A 70 -7.34 3.38 -14.51
C ALA A 70 -6.05 2.75 -13.98
N TYR A 71 -5.80 1.53 -14.43
CA TYR A 71 -4.64 0.76 -14.00
C TYR A 71 -3.35 1.34 -14.57
N ALA A 72 -3.41 1.94 -15.76
CA ALA A 72 -2.25 2.57 -16.37
C ALA A 72 -2.68 3.85 -17.07
N GLY A 73 -1.81 4.85 -17.02
CA GLY A 73 -2.06 6.11 -17.71
C GLY A 73 -3.06 7.02 -17.04
N SER A 74 -3.25 6.90 -15.73
CA SER A 74 -4.18 7.76 -15.02
C SER A 74 -3.74 9.22 -15.08
N GLU A 75 -4.71 10.12 -15.29
CA GLU A 75 -4.42 11.54 -15.21
C GLU A 75 -3.92 11.93 -13.82
N ASN A 76 -4.41 11.24 -12.77
CA ASN A 76 -3.95 11.53 -11.42
C ASN A 76 -2.46 11.26 -11.26
N PHE A 77 -1.96 10.18 -11.87
CA PHE A 77 -0.54 9.87 -11.76
C PHE A 77 0.30 10.94 -12.43
N TYR A 78 -0.11 11.38 -13.63
CA TYR A 78 0.67 12.39 -14.35
C TYR A 78 0.69 13.69 -13.57
N HIS A 79 -0.42 14.03 -12.90
CA HIS A 79 -0.47 15.23 -12.09
C HIS A 79 0.49 15.15 -10.91
N LEU A 80 0.47 14.01 -10.21
CA LEU A 80 1.41 13.82 -9.10
C LEU A 80 2.84 13.82 -9.61
N GLU A 81 3.08 13.23 -10.77
CA GLU A 81 4.43 13.13 -11.31
C GLU A 81 5.01 14.52 -11.61
N ARG A 82 4.28 15.33 -12.36
CA ARG A 82 4.81 16.65 -12.73
C ARG A 82 4.91 17.58 -11.52
N THR A 83 4.01 17.43 -10.55
CA THR A 83 4.08 18.26 -9.35
C THR A 83 5.36 17.98 -8.57
N VAL A 84 5.69 16.71 -8.40
CA VAL A 84 6.89 16.35 -7.65
C VAL A 84 8.13 16.75 -8.44
N GLN A 85 8.13 16.54 -9.76
CA GLN A 85 9.25 16.98 -10.58
C GLN A 85 9.45 18.49 -10.50
N GLU A 86 8.35 19.24 -10.42
CA GLU A 86 8.43 20.69 -10.35
C GLU A 86 8.88 21.18 -8.97
N LEU A 87 8.35 20.59 -7.90
CA LEU A 87 8.63 21.07 -6.55
C LEU A 87 9.91 20.48 -5.96
N PHE A 88 10.15 19.18 -6.17
CA PHE A 88 11.34 18.54 -5.62
C PHE A 88 12.52 18.56 -6.58
N GLY A 89 12.26 18.61 -7.88
CA GLY A 89 13.34 18.67 -8.85
C GLY A 89 13.96 17.35 -9.24
N PHE A 90 13.40 16.23 -8.79
CA PHE A 90 13.95 14.93 -9.15
C PHE A 90 13.46 14.50 -10.53
N LYS A 91 14.26 13.65 -11.17
CA LYS A 91 13.97 13.22 -12.53
C LYS A 91 12.83 12.21 -12.57
N HIS A 92 12.88 11.20 -11.70
CA HIS A 92 11.92 10.11 -11.71
C HIS A 92 11.21 10.01 -10.37
N ILE A 93 10.02 9.43 -10.40
CA ILE A 93 9.21 9.25 -9.20
C ILE A 93 8.41 7.96 -9.35
N VAL A 94 8.37 7.18 -8.28
CA VAL A 94 7.60 5.95 -8.21
C VAL A 94 6.65 6.07 -7.03
N PRO A 95 5.33 6.07 -7.25
CA PRO A 95 4.42 6.15 -6.10
C PRO A 95 4.39 4.85 -5.32
N THR A 96 4.17 4.98 -4.01
CA THR A 96 4.03 3.84 -3.11
C THR A 96 2.90 4.16 -2.14
N HIS A 97 2.37 3.11 -1.50
CA HIS A 97 1.19 3.30 -0.65
C HIS A 97 1.51 4.14 0.59
N GLN A 98 2.74 4.06 1.11
CA GLN A 98 3.19 5.00 2.12
C GLN A 98 4.72 4.93 2.21
N GLY A 99 5.28 5.64 3.19
CA GLY A 99 6.72 5.84 3.22
C GLY A 99 7.53 4.58 3.34
N ARG A 100 7.11 3.66 4.23
CA ARG A 100 7.88 2.43 4.40
C ARG A 100 7.82 1.54 3.16
N GLY A 101 6.87 1.77 2.27
CA GLY A 101 6.90 1.09 0.98
C GLY A 101 8.05 1.57 0.11
N ALA A 102 8.30 2.89 0.12
CA ALA A 102 9.44 3.43 -0.62
C ALA A 102 10.75 2.99 0.01
N GLU A 103 10.80 2.90 1.35
CA GLU A 103 12.00 2.46 2.04
C GLU A 103 12.34 1.01 1.70
N ASN A 104 11.32 0.17 1.56
CA ASN A 104 11.54 -1.20 1.14
C ASN A 104 12.21 -1.27 -0.23
N LEU A 105 11.78 -0.41 -1.16
CA LEU A 105 12.38 -0.41 -2.49
C LEU A 105 13.82 0.10 -2.44
N LEU A 106 14.05 1.22 -1.76
CA LEU A 106 15.38 1.81 -1.73
C LEU A 106 16.40 0.89 -1.09
N SER A 107 16.02 0.23 0.01
CA SER A 107 16.97 -0.62 0.72
C SER A 107 17.41 -1.82 -0.11
N GLN A 108 16.51 -2.34 -0.96
CA GLN A 108 16.89 -3.46 -1.82
C GLN A 108 17.68 -3.02 -3.05
N LEU A 109 17.60 -1.75 -3.43
CA LEU A 109 18.27 -1.26 -4.62
C LEU A 109 19.69 -0.78 -4.34
N ALA A 110 19.93 -0.13 -3.20
CA ALA A 110 21.16 0.62 -2.97
C ALA A 110 22.04 0.04 -1.87
N ILE A 111 21.73 -1.15 -1.36
CA ILE A 111 22.47 -1.74 -0.24
C ILE A 111 23.00 -3.10 -0.65
N LYS A 112 24.30 -3.31 -0.47
CA LYS A 112 25.02 -4.57 -0.60
C LYS A 112 25.25 -5.18 0.78
N PRO A 113 25.12 -6.49 0.93
CA PRO A 113 25.30 -7.11 2.25
C PRO A 113 26.70 -6.87 2.79
N GLY A 114 26.76 -6.27 3.98
CA GLY A 114 28.02 -5.93 4.61
C GLY A 114 28.34 -4.45 4.61
N GLN A 115 27.65 -3.65 3.80
CA GLN A 115 27.94 -2.22 3.73
C GLN A 115 27.34 -1.50 4.94
N TYR A 116 27.74 -0.24 5.10
CA TYR A 116 27.27 0.60 6.18
C TYR A 116 26.31 1.65 5.64
N VAL A 117 25.30 1.99 6.44
CA VAL A 117 24.41 3.11 6.19
C VAL A 117 24.50 4.05 7.38
N ALA A 118 24.77 5.32 7.12
CA ALA A 118 24.92 6.32 8.17
C ALA A 118 23.90 7.43 7.97
N GLY A 119 23.41 7.97 9.07
CA GLY A 119 22.42 9.03 9.01
C GLY A 119 22.24 9.70 10.35
N ASN A 120 21.56 10.85 10.30
CA ASN A 120 21.26 11.64 11.50
C ASN A 120 20.12 10.97 12.24
N MET A 121 20.49 10.07 13.15
CA MET A 121 19.55 9.20 13.87
C MET A 121 18.78 8.32 12.89
N TYR A 122 17.82 7.54 13.40
CA TYR A 122 17.14 6.52 12.61
C TYR A 122 15.64 6.60 12.87
N PHE A 123 14.89 5.87 12.06
CA PHE A 123 13.50 5.56 12.34
C PHE A 123 13.33 4.05 12.30
N THR A 124 12.27 3.56 12.96
CA THR A 124 12.11 2.12 13.16
C THR A 124 11.99 1.37 11.84
N THR A 125 11.10 1.83 10.95
CA THR A 125 10.89 1.12 9.69
C THR A 125 12.08 1.30 8.75
N THR A 126 12.68 2.49 8.73
CA THR A 126 13.82 2.72 7.86
C THR A 126 15.00 1.86 8.27
N ARG A 127 15.29 1.81 9.56
CA ARG A 127 16.43 1.02 10.04
C ARG A 127 16.19 -0.48 9.83
N TYR A 128 14.93 -0.92 9.93
CA TYR A 128 14.64 -2.34 9.73
C TYR A 128 14.96 -2.78 8.30
N HIS A 129 14.47 -2.03 7.31
CA HIS A 129 14.72 -2.38 5.93
C HIS A 129 16.20 -2.31 5.59
N GLN A 130 16.91 -1.36 6.19
CA GLN A 130 18.36 -1.30 6.02
C GLN A 130 19.04 -2.54 6.61
N GLU A 131 18.68 -2.88 7.85
CA GLU A 131 19.31 -4.04 8.49
C GLU A 131 18.86 -5.35 7.87
N LYS A 132 17.63 -5.41 7.36
CA LYS A 132 17.16 -6.63 6.71
C LYS A 132 17.96 -6.93 5.44
N ASN A 133 18.36 -5.89 4.71
CA ASN A 133 19.11 -6.06 3.48
C ASN A 133 20.61 -6.18 3.71
N GLY A 134 21.04 -6.33 4.94
CA GLY A 134 22.42 -6.64 5.25
C GLY A 134 23.31 -5.48 5.62
N ALA A 135 22.74 -4.33 5.96
CA ALA A 135 23.52 -3.15 6.32
C ALA A 135 23.65 -3.01 7.82
N VAL A 136 24.65 -2.26 8.24
CA VAL A 136 24.88 -1.92 9.63
C VAL A 136 24.68 -0.41 9.78
N PHE A 137 23.72 -0.01 10.61
CA PHE A 137 23.41 1.40 10.78
C PHE A 137 24.42 2.07 11.68
N VAL A 138 24.79 3.31 11.33
CA VAL A 138 25.72 4.12 12.10
C VAL A 138 25.10 5.50 12.28
N ASP A 139 24.99 5.94 13.53
CA ASP A 139 24.44 7.26 13.82
C ASP A 139 25.55 8.29 13.72
N ILE A 140 25.38 9.27 12.84
CA ILE A 140 26.38 10.31 12.65
C ILE A 140 25.81 11.69 12.98
N VAL A 141 24.68 11.74 13.70
CA VAL A 141 24.16 13.02 14.13
C VAL A 141 25.08 13.63 15.20
N ARG A 142 25.01 14.95 15.33
CA ARG A 142 25.80 15.63 16.34
C ARG A 142 25.37 15.18 17.74
N ASP A 143 26.33 15.16 18.66
CA ASP A 143 26.07 14.64 20.00
C ASP A 143 24.99 15.43 20.73
N GLU A 144 24.87 16.72 20.44
CA GLU A 144 23.91 17.56 21.15
C GLU A 144 22.47 17.16 20.85
N ALA A 145 22.22 16.43 19.76
CA ALA A 145 20.87 16.01 19.43
C ALA A 145 20.29 15.03 20.44
N HIS A 146 21.14 14.31 21.18
CA HIS A 146 20.68 13.33 22.15
C HIS A 146 20.45 13.92 23.53
N ASP A 147 20.60 15.23 23.69
CA ASP A 147 20.38 15.90 24.97
C ASP A 147 19.08 16.67 24.89
N ALA A 148 18.09 16.25 25.68
CA ALA A 148 16.72 16.76 25.50
C ALA A 148 16.61 18.24 25.82
N GLY A 149 17.23 18.69 26.92
CA GLY A 149 17.04 20.06 27.36
C GLY A 149 17.89 21.09 26.69
N LEU A 150 18.87 20.69 25.89
CA LEU A 150 19.77 21.65 25.25
C LEU A 150 19.04 22.38 24.12
N ASN A 151 18.86 23.68 24.26
CA ASN A 151 18.12 24.49 23.29
C ASN A 151 19.12 25.14 22.34
N ILE A 152 19.42 24.46 21.25
CA ILE A 152 20.26 24.99 20.18
C ILE A 152 19.53 24.80 18.85
N ALA A 153 19.92 25.61 17.87
CA ALA A 153 19.25 25.58 16.58
C ALA A 153 19.83 24.48 15.70
N PHE A 154 18.95 23.91 14.86
CA PHE A 154 19.32 22.89 13.89
C PHE A 154 20.02 21.71 14.57
N LYS A 155 19.33 21.16 15.57
CA LYS A 155 19.84 20.03 16.33
C LYS A 155 20.01 18.77 15.48
N GLY A 156 19.36 18.69 14.33
CA GLY A 156 19.39 17.51 13.48
C GLY A 156 20.54 17.44 12.52
N ASP A 157 21.49 18.38 12.56
CA ASP A 157 22.60 18.38 11.62
C ASP A 157 23.51 17.18 11.81
N ILE A 158 24.04 16.70 10.69
CA ILE A 158 25.02 15.62 10.69
C ILE A 158 26.38 16.16 11.13
N ASP A 159 27.05 15.43 12.02
CA ASP A 159 28.40 15.77 12.44
C ASP A 159 29.37 15.39 11.33
N LEU A 160 30.00 16.40 10.72
CA LEU A 160 30.92 16.12 9.62
C LEU A 160 32.15 15.37 10.07
N LYS A 161 32.59 15.57 11.31
CA LYS A 161 33.76 14.83 11.80
C LYS A 161 33.44 13.36 11.98
N LYS A 162 32.24 13.04 12.45
CA LYS A 162 31.83 11.64 12.54
C LYS A 162 31.74 11.02 11.15
N LEU A 163 31.23 11.78 10.17
CA LEU A 163 31.16 11.28 8.80
C LEU A 163 32.55 11.09 8.21
N GLN A 164 33.45 12.04 8.47
CA GLN A 164 34.83 11.90 7.99
C GLN A 164 35.51 10.70 8.64
N LYS A 165 35.25 10.48 9.93
CA LYS A 165 35.85 9.36 10.63
C LYS A 165 35.33 8.03 10.10
N LEU A 166 34.05 7.97 9.74
CA LEU A 166 33.49 6.74 9.19
C LEU A 166 34.13 6.40 7.85
N ILE A 167 34.31 7.39 6.98
CA ILE A 167 34.92 7.16 5.67
C ILE A 167 36.36 6.68 5.84
N ASP A 168 37.08 7.22 6.81
CA ASP A 168 38.48 6.86 6.98
C ASP A 168 38.63 5.46 7.57
N GLU A 169 37.82 5.12 8.56
CA GLU A 169 37.95 3.82 9.22
C GLU A 169 37.40 2.69 8.36
N LYS A 170 36.27 2.90 7.69
CA LYS A 170 35.61 1.84 6.95
C LYS A 170 35.85 1.91 5.45
N GLY A 171 36.13 3.07 4.90
CA GLY A 171 36.28 3.17 3.45
C GLY A 171 34.98 3.57 2.78
N ALA A 172 35.11 4.26 1.65
CA ALA A 172 33.94 4.75 0.94
C ALA A 172 33.20 3.62 0.23
N GLU A 173 33.91 2.61 -0.25
CA GLU A 173 33.27 1.51 -0.97
C GLU A 173 32.40 0.66 -0.07
N ASN A 174 32.63 0.68 1.24
CA ASN A 174 31.83 -0.09 2.18
C ASN A 174 30.66 0.71 2.75
N ILE A 175 30.39 1.89 2.21
CA ILE A 175 29.29 2.73 2.65
C ILE A 175 28.24 2.74 1.54
N ALA A 176 27.06 2.21 1.85
CA ALA A 176 25.99 2.18 0.87
C ALA A 176 25.56 3.59 0.49
N TYR A 177 25.12 4.38 1.48
CA TYR A 177 24.72 5.76 1.24
C TYR A 177 24.55 6.46 2.58
N ILE A 178 24.33 7.77 2.50
CA ILE A 178 23.99 8.59 3.65
C ILE A 178 22.50 8.85 3.63
N CYS A 179 21.83 8.54 4.74
CA CYS A 179 20.38 8.72 4.86
C CYS A 179 20.12 9.96 5.70
N LEU A 180 19.81 11.07 5.03
CA LEU A 180 19.59 12.35 5.69
C LEU A 180 18.09 12.59 5.86
N ALA A 181 17.63 12.65 7.10
CA ALA A 181 16.23 12.84 7.41
C ALA A 181 15.95 14.31 7.71
N VAL A 182 14.88 14.83 7.14
CA VAL A 182 14.41 16.20 7.37
C VAL A 182 12.90 16.15 7.57
N THR A 183 12.45 16.47 8.79
CA THR A 183 13.30 16.72 9.94
C THR A 183 13.70 15.42 10.63
N VAL A 184 14.32 15.52 11.79
CA VAL A 184 14.76 14.37 12.56
C VAL A 184 13.70 14.07 13.61
N ASN A 185 12.95 12.99 13.40
CA ASN A 185 11.79 12.69 14.23
C ASN A 185 12.18 12.38 15.67
N LEU A 186 13.16 11.49 15.88
CA LEU A 186 13.46 11.01 17.22
C LEU A 186 14.10 12.07 18.11
N ALA A 187 14.82 13.03 17.52
CA ALA A 187 15.42 14.10 18.31
C ALA A 187 14.43 15.17 18.72
N GLY A 188 13.16 15.01 18.37
CA GLY A 188 12.13 15.98 18.68
C GLY A 188 11.62 16.79 17.50
N GLY A 189 11.78 16.31 16.27
CA GLY A 189 11.37 17.07 15.11
C GLY A 189 12.30 18.22 14.79
N GLN A 190 13.61 18.01 14.96
CA GLN A 190 14.65 19.02 14.86
C GLN A 190 15.12 19.19 13.42
N PRO A 191 15.30 20.43 12.99
CA PRO A 191 15.61 20.68 11.58
C PRO A 191 17.08 20.48 11.26
N VAL A 192 17.36 20.40 9.96
CA VAL A 192 18.71 20.33 9.43
C VAL A 192 18.95 21.59 8.62
N SER A 193 20.11 22.21 8.79
CA SER A 193 20.41 23.45 8.10
C SER A 193 20.79 23.18 6.65
N MET A 194 20.53 24.18 5.79
CA MET A 194 20.96 24.07 4.40
C MET A 194 22.48 23.99 4.30
N ALA A 195 23.19 24.68 5.19
CA ALA A 195 24.65 24.60 5.18
C ALA A 195 25.15 23.20 5.49
N ASN A 196 24.44 22.49 6.38
CA ASN A 196 24.83 21.10 6.68
C ASN A 196 24.54 20.20 5.48
N MET A 197 23.41 20.40 4.80
CA MET A 197 23.11 19.62 3.61
C MET A 197 24.12 19.89 2.51
N ARG A 198 24.52 21.16 2.36
CA ARG A 198 25.51 21.51 1.36
C ARG A 198 26.87 20.92 1.71
N ALA A 199 27.20 20.88 3.00
CA ALA A 199 28.50 20.35 3.43
C ALA A 199 28.53 18.83 3.31
N VAL A 200 27.43 18.16 3.64
CA VAL A 200 27.37 16.71 3.49
C VAL A 200 27.51 16.32 2.03
N ARG A 201 26.79 17.01 1.14
CA ARG A 201 26.92 16.78 -0.28
C ARG A 201 28.34 17.04 -0.76
N GLU A 202 29.01 18.04 -0.17
CA GLU A 202 30.38 18.35 -0.56
C GLU A 202 31.33 17.21 -0.22
N LEU A 203 31.19 16.63 0.97
CA LEU A 203 32.12 15.58 1.41
C LEU A 203 31.83 14.24 0.74
N THR A 204 30.54 13.89 0.59
CA THR A 204 30.20 12.58 0.04
C THR A 204 30.52 12.50 -1.45
N ALA A 205 30.25 13.58 -2.19
CA ALA A 205 30.53 13.56 -3.62
C ALA A 205 32.01 13.40 -3.91
N ALA A 206 32.87 13.88 -3.00
CA ALA A 206 34.31 13.71 -3.17
C ALA A 206 34.76 12.27 -2.99
N HIS A 207 33.96 11.43 -2.35
CA HIS A 207 34.28 10.03 -2.16
C HIS A 207 33.35 9.11 -2.94
N GLY A 208 32.50 9.65 -3.81
CA GLY A 208 31.59 8.83 -4.57
C GLY A 208 30.50 8.17 -3.76
N ILE A 209 30.06 8.80 -2.68
CA ILE A 209 29.04 8.25 -1.80
C ILE A 209 27.72 8.93 -2.12
N LYS A 210 26.66 8.14 -2.22
CA LYS A 210 25.33 8.66 -2.55
C LYS A 210 24.62 9.15 -1.30
N VAL A 211 23.72 10.10 -1.49
CA VAL A 211 22.93 10.68 -0.41
C VAL A 211 21.45 10.55 -0.76
N PHE A 212 20.68 9.94 0.12
CA PHE A 212 19.24 9.82 -0.04
C PHE A 212 18.55 10.46 1.16
N TYR A 213 17.50 11.24 0.89
CA TYR A 213 16.78 11.96 1.93
C TYR A 213 15.57 11.18 2.42
N ASP A 214 15.30 11.26 3.71
CA ASP A 214 14.02 10.86 4.30
C ASP A 214 13.23 12.15 4.43
N ALA A 215 12.40 12.45 3.43
CA ALA A 215 11.83 13.77 3.25
C ALA A 215 10.44 13.93 3.85
N THR A 216 10.04 13.04 4.77
CA THR A 216 8.64 13.01 5.21
C THR A 216 8.17 14.36 5.77
N ARG A 217 9.04 15.10 6.45
CA ARG A 217 8.68 16.38 7.04
C ARG A 217 9.57 17.51 6.51
N CYS A 218 9.83 17.50 5.20
CA CYS A 218 10.74 18.47 4.60
C CYS A 218 10.17 19.89 4.60
N VAL A 219 8.84 20.04 4.54
CA VAL A 219 8.24 21.37 4.53
C VAL A 219 8.45 22.06 5.87
N GLU A 220 8.21 21.34 6.97
CA GLU A 220 8.52 21.88 8.29
C GLU A 220 9.99 22.24 8.40
N ASN A 221 10.87 21.42 7.83
CA ASN A 221 12.29 21.72 7.81
C ASN A 221 12.57 23.02 7.04
N ALA A 222 11.89 23.20 5.90
CA ALA A 222 12.10 24.40 5.11
C ALA A 222 11.69 25.65 5.86
N TYR A 223 10.64 25.57 6.68
CA TYR A 223 10.21 26.73 7.45
C TYR A 223 11.27 27.14 8.47
N PHE A 224 11.88 26.17 9.15
CA PHE A 224 12.93 26.50 10.10
C PHE A 224 14.12 27.18 9.41
N ILE A 225 14.42 26.76 8.18
CA ILE A 225 15.48 27.41 7.42
C ILE A 225 15.12 28.85 7.12
N LYS A 226 13.88 29.09 6.67
CA LYS A 226 13.45 30.44 6.36
C LYS A 226 13.43 31.33 7.60
N GLU A 227 13.14 30.75 8.76
CA GLU A 227 12.96 31.52 9.99
C GLU A 227 14.28 31.81 10.70
N GLN A 228 15.23 30.87 10.68
CA GLN A 228 16.39 30.95 11.55
C GLN A 228 17.74 30.96 10.85
N GLU A 229 17.83 30.56 9.58
CA GLU A 229 19.11 30.56 8.88
C GLU A 229 19.26 31.85 8.11
N GLN A 230 20.37 32.56 8.37
CA GLN A 230 20.59 33.85 7.73
C GLN A 230 20.79 33.69 6.24
N GLY A 231 20.12 34.52 5.46
CA GLY A 231 20.20 34.47 4.01
C GLY A 231 19.01 33.85 3.32
N PHE A 232 18.10 33.21 4.06
CA PHE A 232 16.93 32.55 3.48
C PHE A 232 15.62 33.24 3.87
N GLU A 233 15.70 34.37 4.58
CA GLU A 233 14.48 35.04 5.04
C GLU A 233 13.69 35.64 3.89
N ASN A 234 14.32 35.88 2.74
CA ASN A 234 13.65 36.41 1.57
C ASN A 234 13.20 35.33 0.60
N LYS A 235 13.54 34.06 0.86
CA LYS A 235 13.22 32.97 -0.04
C LYS A 235 11.89 32.34 0.33
N SER A 236 11.13 31.92 -0.68
CA SER A 236 9.88 31.23 -0.43
C SER A 236 10.13 29.82 0.06
N ILE A 237 9.09 29.22 0.64
CA ILE A 237 9.17 27.83 1.08
C ILE A 237 9.49 26.93 -0.10
N ALA A 238 8.86 27.18 -1.25
CA ALA A 238 9.09 26.34 -2.42
C ALA A 238 10.54 26.40 -2.87
N GLU A 239 11.12 27.61 -2.90
CA GLU A 239 12.52 27.76 -3.31
C GLU A 239 13.46 27.03 -2.36
N ILE A 240 13.17 27.08 -1.06
CA ILE A 240 14.02 26.39 -0.09
C ILE A 240 13.89 24.88 -0.24
N VAL A 241 12.66 24.38 -0.40
CA VAL A 241 12.45 22.95 -0.61
C VAL A 241 13.19 22.48 -1.85
N HIS A 242 13.09 23.24 -2.95
CA HIS A 242 13.75 22.84 -4.19
C HIS A 242 15.26 22.84 -4.04
N GLU A 243 15.82 23.80 -3.29
CA GLU A 243 17.26 23.83 -3.10
C GLU A 243 17.73 22.72 -2.17
N MET A 244 16.91 22.37 -1.17
CA MET A 244 17.24 21.28 -0.26
C MET A 244 17.52 19.99 -1.03
N PHE A 245 16.61 19.61 -1.93
CA PHE A 245 16.74 18.35 -2.64
C PHE A 245 17.78 18.38 -3.74
N SER A 246 18.31 19.55 -4.09
CA SER A 246 19.38 19.59 -5.08
C SER A 246 20.68 19.01 -4.55
N TYR A 247 20.76 18.70 -3.25
CA TYR A 247 21.91 18.07 -2.64
C TYR A 247 21.70 16.59 -2.38
N ALA A 248 20.67 15.99 -2.96
CA ALA A 248 20.37 14.58 -2.75
C ALA A 248 20.27 13.87 -4.10
N ASP A 249 20.63 12.60 -4.10
CA ASP A 249 20.48 11.75 -5.28
C ASP A 249 19.11 11.09 -5.35
N GLY A 250 18.29 11.23 -4.32
CA GLY A 250 16.97 10.64 -4.29
C GLY A 250 16.31 10.91 -2.96
N CYS A 251 15.10 10.40 -2.80
CA CYS A 251 14.39 10.61 -1.54
C CYS A 251 13.31 9.56 -1.39
N THR A 252 12.95 9.31 -0.14
CA THR A 252 11.75 8.56 0.23
C THR A 252 10.81 9.51 0.95
N MET A 253 9.56 9.53 0.53
CA MET A 253 8.58 10.48 1.04
C MET A 253 7.35 9.74 1.56
N SER A 254 6.88 10.16 2.73
CA SER A 254 5.59 9.73 3.26
C SER A 254 4.64 10.93 3.11
N GLY A 255 3.76 10.84 2.12
CA GLY A 255 2.75 11.89 1.94
C GLY A 255 1.84 12.06 3.13
N LYS A 256 1.72 11.03 3.98
CA LYS A 256 0.91 11.08 5.18
C LYS A 256 1.39 12.14 6.17
N LYS A 257 2.54 12.78 5.92
CA LYS A 257 3.03 13.85 6.79
C LYS A 257 2.81 15.15 6.07
N ASP A 258 3.82 15.72 5.40
CA ASP A 258 3.74 17.09 4.92
C ASP A 258 3.00 17.24 3.59
N CYS A 259 2.44 16.17 3.03
CA CYS A 259 1.58 16.31 1.86
C CYS A 259 0.11 16.46 2.23
N LEU A 260 -0.21 16.49 3.52
CA LEU A 260 -1.55 16.83 4.00
C LEU A 260 -2.61 15.85 3.52
N VAL A 261 -2.26 14.56 3.51
CA VAL A 261 -3.19 13.50 3.12
C VAL A 261 -3.20 12.42 4.19
N ASN A 262 -4.09 11.45 4.02
CA ASN A 262 -4.29 10.37 4.98
C ASN A 262 -3.64 9.06 4.56
N ILE A 263 -3.09 9.00 3.35
CA ILE A 263 -2.41 7.82 2.84
C ILE A 263 -1.61 8.27 1.62
N GLY A 264 -0.46 7.62 1.40
CA GLY A 264 0.33 7.89 0.22
C GLY A 264 1.80 8.17 0.48
N GLY A 265 2.63 7.88 -0.50
CA GLY A 265 4.05 8.17 -0.46
C GLY A 265 4.63 7.99 -1.84
N PHE A 266 5.94 8.20 -1.94
CA PHE A 266 6.61 7.98 -3.21
C PHE A 266 8.12 7.91 -3.02
N LEU A 267 8.79 7.42 -4.05
CA LEU A 267 10.24 7.30 -4.10
C LEU A 267 10.74 8.09 -5.30
N CYS A 268 11.72 8.96 -5.06
CA CYS A 268 12.30 9.79 -6.12
C CYS A 268 13.77 9.45 -6.29
N MET A 269 14.26 9.66 -7.51
CA MET A 269 15.67 9.47 -7.81
C MET A 269 15.96 10.12 -9.15
N ASN A 270 17.25 10.31 -9.43
CA ASN A 270 17.70 10.88 -10.69
C ASN A 270 18.33 9.85 -11.63
N ASP A 271 18.86 8.75 -11.09
CA ASP A 271 19.55 7.76 -11.90
C ASP A 271 18.57 6.95 -12.73
N ASP A 272 18.92 6.73 -14.00
CA ASP A 272 18.04 6.00 -14.91
C ASP A 272 18.03 4.50 -14.63
N GLU A 273 19.20 3.91 -14.38
CA GLU A 273 19.27 2.49 -14.10
C GLU A 273 18.55 2.16 -12.78
N MET A 274 18.69 3.02 -11.79
CA MET A 274 18.01 2.79 -10.52
CA MET A 274 18.02 2.78 -10.52
C MET A 274 16.49 2.88 -10.67
N PHE A 275 16.03 3.81 -11.49
CA PHE A 275 14.59 3.94 -11.73
C PHE A 275 14.05 2.73 -12.47
N SER A 276 14.84 2.16 -13.38
CA SER A 276 14.39 0.95 -14.09
C SER A 276 14.25 -0.22 -13.14
N SER A 277 15.19 -0.35 -12.19
CA SER A 277 15.09 -1.44 -11.23
C SER A 277 13.97 -1.21 -10.22
N ALA A 278 13.68 0.04 -9.89
CA ALA A 278 12.59 0.34 -8.97
C ALA A 278 11.24 -0.06 -9.55
N LYS A 279 11.07 0.12 -10.87
CA LYS A 279 9.80 -0.27 -11.50
C LYS A 279 9.62 -1.78 -11.51
N GLU A 280 10.71 -2.54 -11.57
CA GLU A 280 10.60 -3.99 -11.53
C GLU A 280 10.26 -4.48 -10.13
N LEU A 281 10.70 -3.77 -9.10
CA LEU A 281 10.46 -4.15 -7.72
C LEU A 281 9.12 -3.65 -7.19
N VAL A 282 8.63 -2.53 -7.72
CA VAL A 282 7.39 -1.96 -7.22
C VAL A 282 6.19 -2.82 -7.62
N VAL A 283 6.24 -3.46 -8.79
CA VAL A 283 5.12 -4.30 -9.22
C VAL A 283 5.02 -5.55 -8.36
N VAL A 284 6.08 -5.89 -7.64
CA VAL A 284 6.04 -7.07 -6.76
C VAL A 284 5.39 -6.72 -5.42
N TYR A 285 5.70 -5.55 -4.86
CA TYR A 285 5.27 -5.20 -3.51
C TYR A 285 4.11 -4.21 -3.48
N GLU A 286 4.12 -3.21 -4.37
CA GLU A 286 3.13 -2.13 -4.33
C GLU A 286 2.11 -2.24 -5.46
N GLY A 287 2.57 -2.22 -6.71
CA GLY A 287 1.67 -2.24 -7.85
C GLY A 287 2.36 -1.64 -9.07
N MET A 288 1.53 -1.23 -10.03
CA MET A 288 2.06 -0.64 -11.26
CA MET A 288 2.07 -0.66 -11.27
C MET A 288 2.82 0.64 -10.97
N PRO A 289 3.85 0.94 -11.75
CA PRO A 289 4.54 2.24 -11.59
C PRO A 289 3.63 3.43 -11.84
N SER A 290 2.44 3.22 -12.42
CA SER A 290 1.48 4.28 -12.68
C SER A 290 0.44 4.44 -11.57
N TYR A 291 0.47 3.61 -10.54
CA TYR A 291 -0.34 3.85 -9.34
C TYR A 291 0.33 3.41 -8.04
N GLY A 292 1.17 2.38 -8.04
CA GLY A 292 2.00 2.06 -6.88
C GLY A 292 1.25 1.83 -5.59
N GLY A 293 0.15 1.07 -5.63
CA GLY A 293 -0.60 0.79 -4.43
C GLY A 293 -1.51 1.89 -3.94
N LEU A 294 -1.82 2.87 -4.78
CA LEU A 294 -2.67 4.00 -4.43
C LEU A 294 -3.83 4.09 -5.40
N ALA A 295 -5.01 4.42 -4.88
CA ALA A 295 -6.12 4.77 -5.74
C ALA A 295 -5.83 6.09 -6.45
N GLY A 296 -6.41 6.25 -7.65
CA GLY A 296 -6.20 7.47 -8.41
C GLY A 296 -6.52 8.73 -7.62
N ARG A 297 -7.64 8.71 -6.89
CA ARG A 297 -8.04 9.89 -6.12
C ARG A 297 -7.04 10.24 -5.04
N ASP A 298 -6.29 9.25 -4.54
CA ASP A 298 -5.30 9.52 -3.50
C ASP A 298 -4.03 10.14 -4.09
N MET A 299 -3.64 9.72 -5.30
CA MET A 299 -2.56 10.41 -5.98
C MET A 299 -2.94 11.86 -6.27
N GLU A 300 -4.22 12.11 -6.57
CA GLU A 300 -4.67 13.47 -6.84
C GLU A 300 -4.63 14.32 -5.57
N ALA A 301 -5.12 13.78 -4.46
CA ALA A 301 -5.11 14.52 -3.20
C ALA A 301 -3.67 14.80 -2.75
N MET A 302 -2.77 13.85 -2.96
CA MET A 302 -1.39 14.05 -2.55
C MET A 302 -0.70 15.11 -3.42
N ALA A 303 -1.04 15.15 -4.71
CA ALA A 303 -0.47 16.17 -5.58
C ALA A 303 -0.97 17.56 -5.20
N ILE A 304 -2.27 17.67 -4.89
CA ILE A 304 -2.82 18.96 -4.47
C ILE A 304 -2.28 19.36 -3.10
N GLY A 305 -2.16 18.38 -2.20
CA GLY A 305 -1.70 18.69 -0.85
C GLY A 305 -0.25 19.14 -0.80
N LEU A 306 0.61 18.55 -1.64
CA LEU A 306 2.01 18.96 -1.66
C LEU A 306 2.14 20.43 -2.07
N ARG A 307 1.28 20.89 -2.98
CA ARG A 307 1.33 22.28 -3.41
C ARG A 307 0.77 23.21 -2.34
N GLU A 308 -0.26 22.78 -1.61
CA GLU A 308 -0.82 23.60 -0.54
C GLU A 308 0.19 23.79 0.59
N ALA A 309 1.03 22.79 0.84
CA ALA A 309 1.99 22.86 1.93
C ALA A 309 3.05 23.94 1.71
N MET A 310 3.25 24.37 0.46
CA MET A 310 4.24 25.39 0.17
C MET A 310 3.81 26.79 0.59
N GLN A 311 2.53 26.98 0.91
CA GLN A 311 2.05 28.28 1.35
C GLN A 311 2.69 28.65 2.68
N TYR A 312 3.30 29.84 2.73
CA TYR A 312 4.04 30.24 3.93
C TYR A 312 3.12 30.32 5.13
N GLU A 313 1.92 30.88 4.96
CA GLU A 313 1.01 31.07 6.09
C GLU A 313 0.60 29.73 6.68
N TYR A 314 0.36 28.73 5.84
CA TYR A 314 -0.02 27.41 6.34
C TYR A 314 1.06 26.83 7.24
N ILE A 315 2.30 26.80 6.75
CA ILE A 315 3.35 26.10 7.48
C ILE A 315 3.77 26.91 8.70
N GLU A 316 3.68 28.24 8.62
CA GLU A 316 3.97 29.08 9.78
C GLU A 316 3.00 28.77 10.91
N HIS A 317 1.71 28.68 10.60
CA HIS A 317 0.72 28.37 11.63
C HIS A 317 0.88 26.96 12.15
N ARG A 318 1.16 25.99 11.27
CA ARG A 318 1.39 24.62 11.70
C ARG A 318 2.49 24.57 12.76
N VAL A 319 3.63 25.19 12.47
CA VAL A 319 4.77 25.12 13.38
C VAL A 319 4.50 25.91 14.66
N LYS A 320 3.95 27.12 14.52
CA LYS A 320 3.73 27.96 15.70
C LYS A 320 2.58 27.47 16.57
N GLN A 321 1.68 26.66 16.03
CA GLN A 321 0.68 26.02 16.88
C GLN A 321 1.35 25.00 17.80
N VAL A 322 2.28 24.21 17.25
CA VAL A 322 3.05 23.30 18.08
C VAL A 322 3.89 24.06 19.08
N ARG A 323 4.51 25.16 18.63
CA ARG A 323 5.31 25.98 19.53
C ARG A 323 4.47 26.59 20.64
N TYR A 324 3.22 26.95 20.34
CA TYR A 324 2.32 27.48 21.35
C TYR A 324 2.13 26.49 22.50
N LEU A 325 1.87 25.22 22.16
CA LEU A 325 1.71 24.20 23.19
C LEU A 325 2.99 24.03 23.99
N GLY A 326 4.14 24.05 23.32
CA GLY A 326 5.41 23.91 24.02
C GLY A 326 5.72 25.10 24.92
N ASP A 327 5.34 26.30 24.49
CA ASP A 327 5.62 27.49 25.30
C ASP A 327 4.77 27.51 26.57
N LYS A 328 3.51 27.06 26.48
CA LYS A 328 2.67 27.02 27.67
C LYS A 328 3.19 26.00 28.67
N LEU A 329 3.66 24.84 28.18
CA LEU A 329 4.22 23.83 29.08
C LEU A 329 5.50 24.33 29.73
N LYS A 330 6.36 25.01 28.97
CA LYS A 330 7.60 25.54 29.55
C LYS A 330 7.33 26.63 30.56
N ALA A 331 6.35 27.50 30.27
CA ALA A 331 6.04 28.60 31.19
C ALA A 331 5.53 28.11 32.53
N ALA A 332 4.96 26.90 32.58
CA ALA A 332 4.49 26.33 33.83
C ALA A 332 5.51 25.43 34.50
N GLY A 333 6.67 25.22 33.88
CA GLY A 333 7.72 24.40 34.47
C GLY A 333 7.70 22.95 34.07
N VAL A 334 6.94 22.57 33.06
CA VAL A 334 6.90 21.18 32.61
C VAL A 334 8.15 20.89 31.77
N PRO A 335 8.88 19.81 32.05
CA PRO A 335 10.11 19.52 31.32
C PRO A 335 9.81 18.96 29.93
N ILE A 336 10.30 19.65 28.90
CA ILE A 336 10.08 19.24 27.52
C ILE A 336 11.42 19.22 26.79
N VAL A 337 11.45 18.50 25.67
CA VAL A 337 12.58 18.55 24.78
C VAL A 337 12.63 19.93 24.12
N GLU A 338 13.82 20.51 24.05
CA GLU A 338 13.99 21.83 23.48
C GLU A 338 15.07 21.81 22.42
N PRO A 339 14.92 22.62 21.36
CA PRO A 339 13.75 23.45 21.12
C PRO A 339 12.57 22.64 20.58
N VAL A 340 11.38 23.24 20.61
CA VAL A 340 10.19 22.55 20.12
C VAL A 340 10.32 22.30 18.64
N GLY A 341 10.04 21.05 18.22
CA GLY A 341 10.14 20.68 16.83
C GLY A 341 8.94 21.15 16.03
N GLY A 342 8.93 20.73 14.74
CA GLY A 342 7.90 21.20 13.84
C GLY A 342 6.57 20.50 13.93
N HIS A 343 6.54 19.26 14.45
CA HIS A 343 5.32 18.46 14.43
C HIS A 343 4.86 17.96 15.79
N ALA A 344 5.64 18.15 16.85
CA ALA A 344 5.26 17.56 18.13
C ALA A 344 6.01 18.25 19.27
N VAL A 345 5.45 18.12 20.46
CA VAL A 345 6.12 18.47 21.70
C VAL A 345 6.43 17.16 22.41
N PHE A 346 7.67 17.01 22.86
CA PHE A 346 8.12 15.81 23.55
C PHE A 346 8.30 16.14 25.03
N LEU A 347 7.52 15.47 25.88
CA LEU A 347 7.73 15.60 27.32
C LEU A 347 8.93 14.76 27.72
N ASP A 348 9.78 15.31 28.59
CA ASP A 348 10.94 14.59 29.08
C ASP A 348 10.50 13.75 30.28
N ALA A 349 10.33 12.44 30.04
CA ALA A 349 9.84 11.56 31.08
C ALA A 349 10.86 11.31 32.18
N ARG A 350 12.16 11.45 31.88
CA ARG A 350 13.17 11.30 32.92
C ARG A 350 13.01 12.36 33.99
N ARG A 351 12.84 13.62 33.58
CA ARG A 351 12.61 14.70 34.53
C ARG A 351 11.17 14.72 35.04
N PHE A 352 10.22 14.31 34.20
CA PHE A 352 8.83 14.24 34.65
C PHE A 352 8.67 13.18 35.74
N CYS A 353 9.29 12.02 35.57
CA CYS A 353 9.22 10.92 36.52
C CYS A 353 10.59 10.70 37.14
N GLU A 354 11.05 11.70 37.90
CA GLU A 354 12.37 11.59 38.53
C GLU A 354 12.43 10.47 39.54
N HIS A 355 11.31 10.15 40.19
CA HIS A 355 11.25 9.11 41.21
C HIS A 355 11.26 7.70 40.63
N LEU A 356 11.34 7.54 39.32
CA LEU A 356 11.29 6.24 38.67
C LEU A 356 12.53 6.02 37.81
N THR A 357 12.94 4.76 37.69
CA THR A 357 14.06 4.38 36.85
C THR A 357 13.58 4.00 35.46
N GLN A 358 14.53 3.93 34.52
CA GLN A 358 14.20 3.58 33.14
C GLN A 358 13.72 2.15 33.02
N ASP A 359 14.06 1.28 33.99
CA ASP A 359 13.56 -0.09 33.97
C ASP A 359 12.09 -0.18 34.33
N GLU A 360 11.51 0.88 34.90
CA GLU A 360 10.09 0.92 35.20
C GLU A 360 9.27 1.59 34.10
N PHE A 361 9.90 1.92 32.97
CA PHE A 361 9.25 2.45 31.78
C PHE A 361 8.47 3.72 32.10
N PRO A 362 9.14 4.81 32.47
CA PRO A 362 8.41 6.03 32.84
C PRO A 362 7.65 6.66 31.69
N ALA A 363 8.21 6.63 30.48
CA ALA A 363 7.51 7.22 29.34
C ALA A 363 6.25 6.45 29.01
N GLN A 364 6.30 5.11 29.01
CA GLN A 364 5.10 4.32 28.75
C GLN A 364 4.06 4.53 29.84
N SER A 365 4.51 4.67 31.09
CA SER A 365 3.57 4.90 32.19
C SER A 365 3.01 6.32 32.15
N LEU A 366 3.83 7.29 31.74
CA LEU A 366 3.36 8.67 31.66
C LEU A 366 2.29 8.83 30.57
N ALA A 367 2.48 8.17 29.43
CA ALA A 367 1.47 8.23 28.37
C ALA A 367 0.14 7.65 28.85
N ALA A 368 0.19 6.56 29.62
CA ALA A 368 -1.03 5.98 30.17
C ALA A 368 -1.71 6.93 31.14
N SER A 369 -0.94 7.58 32.01
CA SER A 369 -1.52 8.50 32.97
C SER A 369 -2.11 9.73 32.28
N ILE A 370 -1.48 10.19 31.20
CA ILE A 370 -2.00 11.35 30.47
C ILE A 370 -3.38 11.04 29.90
N TYR A 371 -3.55 9.85 29.33
CA TYR A 371 -4.85 9.49 28.77
C TYR A 371 -5.91 9.37 29.86
N VAL A 372 -5.59 8.65 30.95
CA VAL A 372 -6.55 8.41 32.01
C VAL A 372 -6.99 9.72 32.65
N GLU A 373 -6.09 10.69 32.73
CA GLU A 373 -6.40 11.94 33.40
C GLU A 373 -7.00 13.01 32.49
N THR A 374 -6.75 12.93 31.18
CA THR A 374 -7.18 13.97 30.27
C THR A 374 -7.96 13.50 29.04
N GLY A 375 -7.90 12.21 28.69
CA GLY A 375 -8.47 11.76 27.44
C GLY A 375 -7.65 12.10 26.21
N VAL A 376 -6.37 12.41 26.38
CA VAL A 376 -5.46 12.71 25.29
C VAL A 376 -4.56 11.50 25.09
N ARG A 377 -4.45 11.03 23.86
CA ARG A 377 -3.55 9.94 23.53
C ARG A 377 -2.21 10.49 23.07
N SER A 378 -1.13 9.95 23.62
CA SER A 378 0.23 10.27 23.22
C SER A 378 1.00 8.98 22.98
N MET A 379 2.18 9.11 22.37
CA MET A 379 3.01 7.96 22.01
C MET A 379 4.26 7.90 22.87
N GLU A 380 4.57 6.71 23.37
CA GLU A 380 5.83 6.48 24.05
C GLU A 380 6.98 6.51 23.04
N ARG A 381 8.06 7.23 23.39
CA ARG A 381 9.26 7.32 22.56
C ARG A 381 10.47 7.15 23.47
N GLY A 382 10.66 5.93 23.99
CA GLY A 382 11.73 5.67 24.93
C GLY A 382 12.35 4.29 24.78
N ILE A 383 12.57 3.63 25.92
CA ILE A 383 13.27 2.34 25.92
C ILE A 383 12.48 1.28 25.18
N ILE A 384 11.15 1.35 25.25
CA ILE A 384 10.33 0.31 24.62
C ILE A 384 10.42 0.39 23.10
N SER A 385 10.54 1.61 22.56
CA SER A 385 10.69 1.76 21.12
C SER A 385 12.09 1.38 20.64
N ALA A 386 13.07 1.35 21.53
CA ALA A 386 14.43 1.04 21.10
C ALA A 386 14.69 -0.46 21.04
N GLY A 387 14.12 -1.22 21.98
CA GLY A 387 14.26 -2.66 21.96
C GLY A 387 15.45 -3.18 22.74
N ARG A 388 15.66 -4.49 22.62
CA ARG A 388 16.81 -5.18 23.19
C ARG A 388 17.65 -5.76 22.07
N ASN A 389 18.97 -5.83 22.29
CA ASN A 389 19.86 -6.38 21.27
C ASN A 389 21.02 -7.16 21.87
N ASN A 390 21.27 -8.34 21.29
CA ASN A 390 22.28 -9.36 21.57
C ASN A 390 22.43 -9.83 23.02
N VAL A 391 22.28 -8.96 24.01
CA VAL A 391 22.29 -9.48 25.38
C VAL A 391 20.91 -10.06 25.67
N THR A 392 20.89 -11.17 26.41
CA THR A 392 19.64 -11.86 26.67
C THR A 392 18.86 -11.12 27.75
N GLY A 393 17.88 -10.31 27.33
CA GLY A 393 17.03 -9.56 28.22
C GLY A 393 17.44 -8.15 28.57
N GLU A 394 18.58 -7.65 28.07
CA GLU A 394 18.96 -6.27 28.35
C GLU A 394 18.37 -5.32 27.32
N HIS A 395 17.72 -4.27 27.83
CA HIS A 395 17.13 -3.23 26.99
C HIS A 395 18.21 -2.32 26.40
N HIS A 396 17.90 -1.73 25.26
CA HIS A 396 18.63 -0.56 24.80
C HIS A 396 18.31 0.62 25.70
N ARG A 397 19.31 1.43 26.01
CA ARG A 397 19.13 2.61 26.85
C ARG A 397 19.48 3.88 26.08
N PRO A 398 18.49 4.60 25.56
CA PRO A 398 18.75 5.88 24.90
C PRO A 398 18.62 7.05 25.86
N LYS A 399 19.38 8.11 25.56
CA LYS A 399 19.33 9.30 26.39
C LYS A 399 17.94 9.93 26.38
N LEU A 400 17.18 9.76 25.30
CA LEU A 400 15.86 10.36 25.17
C LEU A 400 14.80 9.37 25.65
N GLU A 401 14.22 9.65 26.81
CA GLU A 401 13.08 8.91 27.33
C GLU A 401 11.91 9.90 27.35
N THR A 402 11.14 9.92 26.26
CA THR A 402 10.17 10.99 26.05
C THR A 402 8.78 10.44 25.78
N VAL A 403 7.80 11.33 25.90
CA VAL A 403 6.41 11.08 25.52
C VAL A 403 6.04 12.12 24.48
N ARG A 404 5.58 11.67 23.31
CA ARG A 404 5.37 12.52 22.16
C ARG A 404 3.91 12.94 22.07
N LEU A 405 3.67 14.25 22.02
CA LEU A 405 2.36 14.84 21.75
C LEU A 405 2.39 15.32 20.31
N THR A 406 1.91 14.47 19.40
CA THR A 406 2.04 14.70 17.97
C THR A 406 0.79 15.37 17.42
N ILE A 407 0.98 16.46 16.70
CA ILE A 407 -0.13 17.33 16.29
C ILE A 407 -0.43 17.03 14.81
N PRO A 408 -1.60 16.49 14.49
CA PRO A 408 -2.01 16.40 13.08
C PRO A 408 -2.19 17.79 12.49
N ARG A 409 -2.03 17.88 11.18
CA ARG A 409 -2.09 19.18 10.50
C ARG A 409 -3.53 19.58 10.23
N ARG A 410 -3.88 20.80 10.64
CA ARG A 410 -5.17 21.43 10.37
C ARG A 410 -6.34 20.72 11.03
N VAL A 411 -6.12 19.98 12.12
CA VAL A 411 -7.18 19.24 12.78
C VAL A 411 -7.62 19.90 14.08
N TYR A 412 -6.69 20.47 14.85
CA TYR A 412 -7.01 21.01 16.16
C TYR A 412 -6.73 22.51 16.22
N THR A 413 -7.28 23.15 17.25
CA THR A 413 -7.20 24.59 17.45
C THR A 413 -6.33 24.92 18.66
N TYR A 414 -6.11 26.22 18.88
CA TYR A 414 -5.39 26.66 20.07
C TYR A 414 -6.16 26.32 21.35
N ALA A 415 -7.49 26.35 21.30
CA ALA A 415 -8.27 25.97 22.47
C ALA A 415 -8.07 24.50 22.80
N HIS A 416 -7.88 23.66 21.78
CA HIS A 416 -7.54 22.26 22.02
C HIS A 416 -6.15 22.14 22.63
N MET A 417 -5.22 23.00 22.21
CA MET A 417 -3.89 23.00 22.80
C MET A 417 -3.96 23.42 24.27
N ASP A 418 -4.85 24.34 24.61
CA ASP A 418 -5.02 24.74 26.00
C ASP A 418 -5.57 23.60 26.85
N VAL A 419 -6.49 22.81 26.29
CA VAL A 419 -7.00 21.65 27.02
C VAL A 419 -5.87 20.67 27.31
N VAL A 420 -5.02 20.41 26.32
CA VAL A 420 -3.91 19.49 26.51
C VAL A 420 -2.95 20.04 27.57
N ALA A 421 -2.59 21.31 27.45
CA ALA A 421 -1.61 21.90 28.36
C ALA A 421 -2.14 21.93 29.79
N ASP A 422 -3.39 22.35 29.97
CA ASP A 422 -3.96 22.46 31.31
C ASP A 422 -4.03 21.10 32.00
N GLY A 423 -4.30 20.04 31.24
CA GLY A 423 -4.38 18.72 31.85
C GLY A 423 -3.01 18.17 32.22
N ILE A 424 -1.99 18.46 31.40
CA ILE A 424 -0.64 17.99 31.69
C ILE A 424 -0.04 18.75 32.85
N ILE A 425 -0.28 20.06 32.90
CA ILE A 425 0.24 20.88 34.00
C ILE A 425 -0.33 20.41 35.33
N LYS A 426 -1.62 20.10 35.38
CA LYS A 426 -2.22 19.56 36.60
C LYS A 426 -1.67 18.18 36.93
N LEU A 427 -1.41 17.36 35.91
CA LEU A 427 -0.78 16.06 36.15
C LEU A 427 0.63 16.21 36.71
N TYR A 428 1.35 17.24 36.27
CA TYR A 428 2.71 17.47 36.74
C TYR A 428 2.76 17.84 38.21
N GLN A 429 1.64 18.33 38.77
CA GLN A 429 1.63 18.73 40.17
C GLN A 429 1.77 17.52 41.08
N HIS A 430 1.18 16.38 40.70
CA HIS A 430 1.31 15.17 41.49
C HIS A 430 2.00 14.07 40.68
N LYS A 431 3.15 14.41 40.10
CA LYS A 431 3.87 13.45 39.26
C LYS A 431 4.40 12.25 40.03
N GLU A 432 4.53 12.36 41.35
CA GLU A 432 5.01 11.24 42.17
C GLU A 432 4.03 10.08 42.22
N ASP A 433 2.80 10.25 41.74
CA ASP A 433 1.81 9.19 41.77
C ASP A 433 1.93 8.22 40.60
N ILE A 434 2.67 8.57 39.56
CA ILE A 434 2.82 7.70 38.40
C ILE A 434 3.63 6.47 38.78
N ARG A 435 3.10 5.29 38.47
CA ARG A 435 3.68 4.02 38.89
C ARG A 435 4.45 3.37 37.75
N GLY A 436 5.37 2.48 38.12
CA GLY A 436 6.13 1.73 37.14
C GLY A 436 5.29 0.66 36.48
N LEU A 437 5.85 0.11 35.39
CA LEU A 437 5.19 -0.90 34.59
C LEU A 437 6.07 -2.15 34.47
N LYS A 438 5.41 -3.30 34.32
CA LYS A 438 6.09 -4.56 34.10
C LYS A 438 5.56 -5.22 32.83
N PHE A 439 6.45 -5.87 32.09
CA PHE A 439 6.04 -6.62 30.92
C PHE A 439 5.23 -7.84 31.33
N ILE A 440 3.99 -7.93 30.86
CA ILE A 440 3.22 -9.16 30.94
C ILE A 440 3.16 -9.89 29.60
N TYR A 441 3.44 -9.19 28.49
CA TYR A 441 3.56 -9.80 27.18
C TYR A 441 4.50 -8.95 26.33
N GLU A 442 5.49 -9.58 25.72
CA GLU A 442 6.42 -8.88 24.84
C GLU A 442 6.62 -9.69 23.57
N PRO A 443 6.37 -9.12 22.40
CA PRO A 443 6.63 -9.84 21.15
C PRO A 443 8.12 -10.04 20.92
N LYS A 444 8.43 -10.90 19.96
CA LYS A 444 9.82 -11.16 19.62
C LYS A 444 10.50 -9.89 19.11
N GLN A 445 9.77 -9.08 18.36
CA GLN A 445 10.31 -7.84 17.80
C GLN A 445 9.22 -6.78 17.81
N LEU A 446 9.65 -5.53 17.69
CA LEU A 446 8.75 -4.37 17.58
C LEU A 446 7.71 -4.39 18.69
N ARG A 447 8.18 -4.51 19.92
CA ARG A 447 7.28 -4.66 21.07
C ARG A 447 6.43 -3.44 21.33
N ALA A 448 6.86 -2.25 20.87
CA ALA A 448 6.15 -1.02 21.19
C ALA A 448 4.69 -1.06 20.74
N PHE A 449 4.40 -1.75 19.64
CA PHE A 449 3.06 -1.67 19.06
C PHE A 449 2.05 -2.55 19.79
N THR A 450 2.48 -3.74 20.26
CA THR A 450 1.53 -4.72 20.77
C THR A 450 1.90 -5.25 22.15
N ALA A 451 2.86 -4.65 22.85
CA ALA A 451 3.18 -5.09 24.19
C ALA A 451 2.09 -4.69 25.17
N ARG A 452 1.93 -5.50 26.21
CA ARG A 452 1.00 -5.23 27.30
C ARG A 452 1.76 -5.20 28.61
N PHE A 453 1.34 -4.33 29.52
CA PHE A 453 2.07 -4.06 30.74
C PHE A 453 1.13 -4.18 31.93
N ASP A 454 1.70 -4.04 33.13
CA ASP A 454 0.91 -3.97 34.35
C ASP A 454 1.67 -3.14 35.38
N TYR A 455 0.91 -2.47 36.25
CA TYR A 455 1.49 -1.55 37.21
C TYR A 455 2.35 -2.27 38.24
N ILE A 456 3.28 -1.51 38.83
CA ILE A 456 4.13 -2.00 39.90
C ILE A 456 3.62 -1.44 41.22
N ASN B 2 -33.10 -13.90 -20.42
CA ASN B 2 -31.81 -14.59 -20.51
C ASN B 2 -30.72 -13.75 -19.83
N TYR B 3 -30.62 -12.49 -20.22
CA TYR B 3 -29.65 -11.56 -19.64
C TYR B 3 -30.40 -10.50 -18.85
N PRO B 4 -30.17 -10.39 -17.55
CA PRO B 4 -30.93 -9.43 -16.74
C PRO B 4 -30.43 -8.01 -16.90
N ALA B 5 -31.35 -7.07 -16.68
CA ALA B 5 -30.97 -5.66 -16.65
C ALA B 5 -30.16 -5.37 -15.37
N GLU B 6 -29.53 -4.20 -15.36
CA GLU B 6 -28.70 -3.80 -14.22
C GLU B 6 -29.56 -3.71 -12.97
N PRO B 7 -29.20 -4.40 -11.87
CA PRO B 7 -29.98 -4.31 -10.64
C PRO B 7 -29.63 -3.08 -9.83
N PHE B 8 -29.45 -1.95 -10.51
CA PHE B 8 -29.12 -0.68 -9.89
C PHE B 8 -29.35 0.41 -10.94
N ARG B 9 -29.43 1.65 -10.47
CA ARG B 9 -29.49 2.80 -11.36
C ARG B 9 -28.20 3.59 -11.24
N ILE B 10 -27.99 4.50 -12.18
CA ILE B 10 -26.77 5.30 -12.20
C ILE B 10 -26.92 6.51 -11.27
N LYS B 11 -26.02 6.62 -10.29
CA LYS B 11 -26.02 7.75 -9.39
C LYS B 11 -25.19 8.91 -9.93
N SER B 12 -23.98 8.62 -10.41
CA SER B 12 -23.12 9.63 -11.02
C SER B 12 -22.33 8.99 -12.16
N VAL B 13 -21.95 9.82 -13.12
CA VAL B 13 -21.29 9.36 -14.34
C VAL B 13 -19.86 9.92 -14.37
N GLU B 14 -19.06 9.36 -15.27
CA GLU B 14 -17.67 9.78 -15.48
C GLU B 14 -17.51 10.26 -16.91
N THR B 15 -16.98 11.47 -17.07
CA THR B 15 -16.81 12.07 -18.37
C THR B 15 -15.76 11.32 -19.18
N VAL B 16 -16.03 11.17 -20.49
CA VAL B 16 -15.09 10.54 -21.41
C VAL B 16 -14.91 11.47 -22.60
N SER B 17 -13.82 11.23 -23.35
CA SER B 17 -13.43 12.15 -24.42
C SER B 17 -14.28 11.98 -25.68
N MET B 18 -14.49 10.74 -26.13
CA MET B 18 -15.23 10.46 -27.36
C MET B 18 -14.53 11.02 -28.60
N ILE B 19 -13.25 10.68 -28.74
CA ILE B 19 -12.46 11.19 -29.86
C ILE B 19 -12.69 10.34 -31.10
N PRO B 20 -12.62 10.93 -32.29
CA PRO B 20 -12.89 10.17 -33.52
C PRO B 20 -11.79 9.14 -33.82
N ARG B 21 -12.06 8.33 -34.85
CA ARG B 21 -11.14 7.25 -35.20
C ARG B 21 -9.78 7.78 -35.65
N ASP B 22 -9.78 8.84 -36.46
CA ASP B 22 -8.53 9.39 -36.96
C ASP B 22 -7.64 9.92 -35.84
N GLU B 23 -8.25 10.38 -34.74
CA GLU B 23 -7.46 10.83 -33.60
C GLU B 23 -7.01 9.65 -32.74
N ARG B 24 -7.88 8.64 -32.59
CA ARG B 24 -7.47 7.43 -31.88
C ARG B 24 -6.27 6.77 -32.55
N LEU B 25 -6.20 6.84 -33.89
CA LEU B 25 -5.04 6.31 -34.59
C LEU B 25 -3.77 7.06 -34.21
N LYS B 26 -3.85 8.39 -34.13
CA LYS B 26 -2.68 9.17 -33.75
C LYS B 26 -2.29 8.91 -32.30
N LYS B 27 -3.28 8.69 -31.42
CA LYS B 27 -2.98 8.31 -30.04
C LYS B 27 -2.28 6.96 -30.00
N MET B 28 -2.73 5.99 -30.80
CA MET B 28 -2.12 4.67 -30.80
C MET B 28 -0.70 4.71 -31.34
N GLN B 29 -0.45 5.55 -32.34
CA GLN B 29 0.91 5.70 -32.86
C GLN B 29 1.81 6.39 -31.84
N GLU B 30 1.29 7.38 -31.14
CA GLU B 30 2.05 8.01 -30.06
C GLU B 30 2.37 7.01 -28.95
N ALA B 31 1.49 6.04 -28.72
CA ALA B 31 1.73 5.00 -27.73
C ALA B 31 2.54 3.83 -28.28
N GLY B 32 3.12 3.98 -29.47
CA GLY B 32 3.89 2.89 -30.06
C GLY B 32 3.11 1.62 -30.28
N TYR B 33 1.80 1.73 -30.53
CA TYR B 33 0.91 0.58 -30.71
C TYR B 33 0.89 -0.33 -29.49
N ASN B 34 1.11 0.23 -28.31
CA ASN B 34 1.05 -0.50 -27.05
C ASN B 34 -0.09 0.08 -26.22
N THR B 35 -1.14 -0.71 -25.99
CA THR B 35 -2.27 -0.23 -25.21
C THR B 35 -1.88 0.12 -23.78
N PHE B 36 -0.79 -0.45 -23.25
CA PHE B 36 -0.33 -0.08 -21.93
C PHE B 36 0.17 1.36 -21.86
N LEU B 37 0.51 1.95 -23.00
CA LEU B 37 1.05 3.30 -23.04
C LEU B 37 0.01 4.36 -23.39
N LEU B 38 -1.25 3.97 -23.59
CA LEU B 38 -2.30 4.94 -23.83
C LEU B 38 -2.63 5.69 -22.55
N ASN B 39 -3.00 6.96 -22.70
CA ASN B 39 -3.45 7.76 -21.58
C ASN B 39 -4.91 7.46 -21.31
N SER B 40 -5.27 7.41 -20.02
CA SER B 40 -6.64 7.05 -19.66
C SER B 40 -7.65 8.01 -20.27
N LYS B 41 -7.31 9.30 -20.34
CA LYS B 41 -8.23 10.30 -20.85
C LYS B 41 -8.58 10.09 -22.32
N ASP B 42 -7.80 9.29 -23.04
CA ASP B 42 -8.02 9.04 -24.45
C ASP B 42 -8.78 7.74 -24.72
N ILE B 43 -9.40 7.16 -23.69
CA ILE B 43 -10.00 5.83 -23.82
C ILE B 43 -11.48 5.91 -23.48
N TYR B 44 -12.30 5.36 -24.37
CA TYR B 44 -13.76 5.32 -24.18
C TYR B 44 -14.14 4.20 -23.22
N ILE B 45 -13.82 2.96 -23.57
CA ILE B 45 -14.12 1.79 -22.76
C ILE B 45 -12.80 1.12 -22.40
N ASP B 46 -12.44 1.15 -21.12
CA ASP B 46 -11.13 0.67 -20.66
C ASP B 46 -11.30 -0.73 -20.07
N LEU B 47 -11.05 -1.75 -20.89
CA LEU B 47 -11.14 -3.14 -20.45
C LEU B 47 -9.76 -3.73 -20.15
N LEU B 48 -8.83 -2.89 -19.69
CA LEU B 48 -7.47 -3.36 -19.40
C LEU B 48 -7.47 -4.34 -18.24
N THR B 49 -8.25 -4.07 -17.20
CA THR B 49 -8.30 -4.94 -16.03
C THR B 49 -9.57 -4.66 -15.26
N ASP B 50 -9.99 -5.66 -14.48
CA ASP B 50 -11.08 -5.53 -13.54
C ASP B 50 -10.59 -5.22 -12.13
N SER B 51 -9.32 -4.86 -11.98
CA SER B 51 -8.69 -4.65 -10.68
C SER B 51 -8.71 -3.18 -10.32
N GLY B 52 -9.43 -2.84 -9.25
CA GLY B 52 -9.43 -1.46 -8.75
C GLY B 52 -10.15 -0.47 -9.62
N THR B 53 -10.84 -0.92 -10.67
CA THR B 53 -11.51 -0.04 -11.61
C THR B 53 -13.02 -0.02 -11.42
N ASN B 54 -13.52 -0.56 -10.31
CA ASN B 54 -14.94 -0.73 -10.12
C ASN B 54 -15.62 0.59 -9.78
N ALA B 55 -16.93 0.62 -10.00
CA ALA B 55 -17.75 1.73 -9.56
C ALA B 55 -18.33 1.41 -8.19
N MET B 56 -18.24 2.36 -7.26
CA MET B 56 -18.76 2.18 -5.92
C MET B 56 -20.22 2.64 -5.85
N SER B 57 -20.88 2.30 -4.75
CA SER B 57 -22.28 2.65 -4.54
C SER B 57 -22.40 3.94 -3.73
N ASP B 58 -23.63 4.44 -3.65
CA ASP B 58 -23.90 5.61 -2.80
C ASP B 58 -23.60 5.31 -1.34
N LYS B 59 -23.88 4.07 -0.89
CA LYS B 59 -23.57 3.68 0.47
C LYS B 59 -22.06 3.72 0.72
N GLN B 60 -21.27 3.23 -0.24
CA GLN B 60 -19.83 3.25 -0.07
C GLN B 60 -19.29 4.68 -0.02
N TRP B 61 -19.80 5.56 -0.89
CA TRP B 61 -19.35 6.95 -0.86
C TRP B 61 -19.80 7.65 0.41
N ALA B 62 -20.94 7.26 0.97
CA ALA B 62 -21.32 7.76 2.29
C ALA B 62 -20.31 7.32 3.35
N GLY B 63 -19.85 6.07 3.26
CA GLY B 63 -18.79 5.63 4.16
C GLY B 63 -17.48 6.36 3.94
N MET B 64 -17.22 6.80 2.70
CA MET B 64 -16.00 7.56 2.43
C MET B 64 -15.98 8.88 3.20
N MET B 65 -17.15 9.47 3.45
CA MET B 65 -17.23 10.70 4.23
C MET B 65 -17.05 10.47 5.73
N MET B 66 -17.18 9.24 6.19
N MET B 66 -17.16 9.23 6.18
CA MET B 66 -17.07 8.91 7.61
CA MET B 66 -17.09 8.87 7.59
C MET B 66 -15.78 8.14 7.91
C MET B 66 -15.78 8.16 7.94
N GLY B 67 -14.68 8.58 7.30
CA GLY B 67 -13.39 7.96 7.56
C GLY B 67 -12.83 8.35 8.91
N ASP B 68 -12.56 7.36 9.76
CA ASP B 68 -11.85 7.54 11.03
C ASP B 68 -10.38 7.28 10.74
N GLU B 69 -9.60 8.35 10.58
CA GLU B 69 -8.24 8.26 10.06
C GLU B 69 -7.19 8.01 11.14
N ALA B 70 -7.61 7.59 12.33
CA ALA B 70 -6.69 7.35 13.42
C ALA B 70 -5.66 6.28 13.07
N TYR B 71 -4.46 6.42 13.64
CA TYR B 71 -3.36 5.51 13.37
C TYR B 71 -3.60 4.13 13.98
N ALA B 72 -4.32 4.06 15.09
CA ALA B 72 -4.63 2.79 15.74
C ALA B 72 -6.05 2.83 16.28
N GLY B 73 -6.75 1.70 16.20
CA GLY B 73 -8.07 1.60 16.77
C GLY B 73 -9.18 2.29 16.00
N SER B 74 -9.01 2.47 14.69
CA SER B 74 -10.03 3.11 13.89
C SER B 74 -11.33 2.30 13.89
N GLU B 75 -12.46 3.01 13.97
CA GLU B 75 -13.77 2.36 13.86
C GLU B 75 -13.94 1.69 12.50
N ASN B 76 -13.33 2.24 11.45
CA ASN B 76 -13.43 1.63 10.13
C ASN B 76 -12.80 0.24 10.13
N PHE B 77 -11.68 0.06 10.83
CA PHE B 77 -11.05 -1.25 10.89
C PHE B 77 -11.96 -2.27 11.58
N TYR B 78 -12.55 -1.88 12.71
CA TYR B 78 -13.42 -2.80 13.43
C TYR B 78 -14.64 -3.17 12.60
N HIS B 79 -15.16 -2.23 11.81
CA HIS B 79 -16.26 -2.55 10.92
C HIS B 79 -15.83 -3.56 9.86
N LEU B 80 -14.66 -3.33 9.26
CA LEU B 80 -14.14 -4.29 8.29
C LEU B 80 -13.88 -5.64 8.95
N GLU B 81 -13.37 -5.62 10.18
CA GLU B 81 -13.04 -6.86 10.87
C GLU B 81 -14.29 -7.72 11.10
N ARG B 82 -15.35 -7.11 11.66
CA ARG B 82 -16.56 -7.89 11.94
C ARG B 82 -17.23 -8.36 10.66
N THR B 83 -17.14 -7.57 9.58
CA THR B 83 -17.75 -7.96 8.32
C THR B 83 -17.08 -9.21 7.76
N VAL B 84 -15.75 -9.24 7.75
CA VAL B 84 -15.02 -10.39 7.21
C VAL B 84 -15.22 -11.62 8.11
N GLN B 85 -15.17 -11.42 9.43
CA GLN B 85 -15.41 -12.54 10.35
C GLN B 85 -16.81 -13.11 10.18
N GLU B 86 -17.79 -12.26 9.87
CA GLU B 86 -19.16 -12.73 9.69
C GLU B 86 -19.33 -13.43 8.33
N LEU B 87 -18.76 -12.86 7.27
CA LEU B 87 -18.98 -13.39 5.92
C LEU B 87 -18.00 -14.50 5.56
N PHE B 88 -16.72 -14.37 5.92
CA PHE B 88 -15.75 -15.40 5.58
C PHE B 88 -15.60 -16.46 6.65
N GLY B 89 -15.86 -16.11 7.91
CA GLY B 89 -15.78 -17.06 9.00
C GLY B 89 -14.41 -17.27 9.60
N PHE B 90 -13.41 -16.51 9.19
CA PHE B 90 -12.08 -16.64 9.76
C PHE B 90 -11.98 -15.88 11.08
N LYS B 91 -11.06 -16.34 11.94
CA LYS B 91 -10.93 -15.76 13.28
C LYS B 91 -10.26 -14.39 13.24
N HIS B 92 -9.14 -14.27 12.53
CA HIS B 92 -8.32 -13.07 12.55
C HIS B 92 -8.18 -12.51 11.15
N ILE B 93 -7.93 -11.20 11.07
CA ILE B 93 -7.77 -10.52 9.79
C ILE B 93 -6.79 -9.37 9.94
N VAL B 94 -5.90 -9.23 8.96
CA VAL B 94 -4.94 -8.15 8.90
C VAL B 94 -5.13 -7.41 7.58
N PRO B 95 -5.46 -6.14 7.58
CA PRO B 95 -5.64 -5.41 6.32
C PRO B 95 -4.31 -5.13 5.63
N THR B 96 -4.38 -5.08 4.29
CA THR B 96 -3.23 -4.75 3.45
C THR B 96 -3.69 -3.78 2.37
N HIS B 97 -2.75 -3.06 1.77
CA HIS B 97 -3.13 -2.04 0.79
C HIS B 97 -3.70 -2.68 -0.48
N GLN B 98 -3.26 -3.88 -0.83
CA GLN B 98 -3.92 -4.69 -1.86
C GLN B 98 -3.46 -6.14 -1.72
N GLY B 99 -3.88 -6.97 -2.67
CA GLY B 99 -3.71 -8.41 -2.53
C GLY B 99 -2.26 -8.85 -2.44
N ARG B 100 -1.39 -8.30 -3.30
CA ARG B 100 0.01 -8.72 -3.28
C ARG B 100 0.72 -8.30 -2.00
N GLY B 101 0.17 -7.35 -1.24
CA GLY B 101 0.69 -7.07 0.08
C GLY B 101 0.41 -8.20 1.05
N ALA B 102 -0.79 -8.77 0.98
CA ALA B 102 -1.13 -9.92 1.82
C ALA B 102 -0.33 -11.15 1.42
N GLU B 103 -0.07 -11.32 0.12
CA GLU B 103 0.71 -12.47 -0.34
C GLU B 103 2.14 -12.40 0.15
N ASN B 104 2.71 -11.19 0.20
CA ASN B 104 4.05 -11.02 0.75
C ASN B 104 4.11 -11.48 2.21
N LEU B 105 3.09 -11.14 2.99
CA LEU B 105 3.06 -11.56 4.39
C LEU B 105 2.92 -13.07 4.52
N LEU B 106 1.99 -13.65 3.77
CA LEU B 106 1.74 -15.09 3.88
C LEU B 106 2.97 -15.90 3.50
N SER B 107 3.67 -15.49 2.44
CA SER B 107 4.82 -16.26 1.97
C SER B 107 5.95 -16.25 2.99
N GLN B 108 6.12 -15.17 3.75
CA GLN B 108 7.16 -15.12 4.77
C GLN B 108 6.78 -15.86 6.04
N LEU B 109 5.48 -16.06 6.28
CA LEU B 109 5.01 -16.68 7.51
C LEU B 109 4.92 -18.19 7.42
N ALA B 110 4.50 -18.72 6.26
CA ALA B 110 4.10 -20.12 6.16
C ALA B 110 5.03 -20.95 5.28
N ILE B 111 6.17 -20.40 4.87
CA ILE B 111 7.09 -21.10 3.97
C ILE B 111 8.46 -21.18 4.63
N LYS B 112 8.99 -22.39 4.74
CA LYS B 112 10.37 -22.64 5.12
C LYS B 112 11.21 -22.94 3.88
N PRO B 113 12.44 -22.45 3.83
CA PRO B 113 13.28 -22.66 2.63
C PRO B 113 13.47 -24.13 2.33
N GLY B 114 13.09 -24.52 1.11
CA GLY B 114 13.17 -25.90 0.67
C GLY B 114 11.83 -26.59 0.54
N GLN B 115 10.77 -26.02 1.09
CA GLN B 115 9.45 -26.64 1.03
C GLN B 115 8.80 -26.40 -0.33
N TYR B 116 7.71 -27.13 -0.58
CA TYR B 116 6.96 -27.05 -1.81
C TYR B 116 5.63 -26.34 -1.57
N VAL B 117 5.19 -25.58 -2.58
CA VAL B 117 3.85 -25.01 -2.62
C VAL B 117 3.15 -25.50 -3.87
N ALA B 118 1.96 -26.05 -3.71
CA ALA B 118 1.17 -26.59 -4.81
C ALA B 118 -0.16 -25.86 -4.89
N GLY B 119 -0.65 -25.68 -6.12
CA GLY B 119 -1.92 -24.99 -6.30
C GLY B 119 -2.46 -25.17 -7.69
N ASN B 120 -3.73 -24.81 -7.85
CA ASN B 120 -4.40 -24.91 -9.15
C ASN B 120 -3.93 -23.75 -10.01
N MET B 121 -2.82 -23.99 -10.73
CA MET B 121 -2.13 -22.96 -11.50
C MET B 121 -1.68 -21.83 -10.58
N TYR B 122 -1.12 -20.77 -11.16
CA TYR B 122 -0.49 -19.72 -10.37
C TYR B 122 -0.90 -18.35 -10.87
N PHE B 123 -0.54 -17.34 -10.11
CA PHE B 123 -0.55 -15.95 -10.52
C PHE B 123 0.85 -15.37 -10.36
N THR B 124 1.13 -14.29 -11.09
CA THR B 124 2.50 -13.78 -11.18
C THR B 124 3.02 -13.34 -9.81
N THR B 125 2.26 -12.51 -9.10
CA THR B 125 2.73 -11.99 -7.82
C THR B 125 2.73 -13.06 -6.74
N THR B 126 1.72 -13.94 -6.75
CA THR B 126 1.65 -14.99 -5.73
C THR B 126 2.83 -15.95 -5.85
N ARG B 127 3.12 -16.39 -7.07
CA ARG B 127 4.22 -17.33 -7.27
C ARG B 127 5.57 -16.70 -6.97
N TYR B 128 5.72 -15.40 -7.21
CA TYR B 128 6.99 -14.74 -6.93
C TYR B 128 7.29 -14.74 -5.44
N HIS B 129 6.33 -14.31 -4.62
CA HIS B 129 6.56 -14.28 -3.17
C HIS B 129 6.81 -15.67 -2.61
N GLN B 130 6.16 -16.69 -3.17
CA GLN B 130 6.45 -18.06 -2.77
C GLN B 130 7.88 -18.43 -3.13
N GLU B 131 8.29 -18.16 -4.37
CA GLU B 131 9.65 -18.50 -4.80
C GLU B 131 10.69 -17.61 -4.14
N LYS B 132 10.32 -16.36 -3.82
CA LYS B 132 11.26 -15.45 -3.15
C LYS B 132 11.65 -15.98 -1.77
N ASN B 133 10.69 -16.61 -1.07
CA ASN B 133 10.93 -17.15 0.25
C ASN B 133 11.46 -18.58 0.23
N GLY B 134 11.83 -19.10 -0.93
CA GLY B 134 12.50 -20.38 -1.02
C GLY B 134 11.64 -21.58 -1.35
N ALA B 135 10.44 -21.38 -1.88
CA ALA B 135 9.54 -22.49 -2.20
C ALA B 135 9.67 -22.89 -3.67
N VAL B 136 9.27 -24.12 -3.96
CA VAL B 136 9.22 -24.64 -5.32
C VAL B 136 7.75 -24.88 -5.67
N PHE B 137 7.26 -24.19 -6.69
CA PHE B 137 5.87 -24.30 -7.07
C PHE B 137 5.62 -25.57 -7.89
N VAL B 138 4.48 -26.21 -7.62
CA VAL B 138 4.06 -27.40 -8.34
C VAL B 138 2.61 -27.20 -8.78
N ASP B 139 2.35 -27.36 -10.08
CA ASP B 139 1.00 -27.22 -10.61
C ASP B 139 0.26 -28.54 -10.44
N ILE B 140 -0.85 -28.50 -9.70
CA ILE B 140 -1.66 -29.70 -9.45
C ILE B 140 -3.08 -29.52 -10.00
N VAL B 141 -3.28 -28.56 -10.89
CA VAL B 141 -4.61 -28.40 -11.50
C VAL B 141 -4.89 -29.57 -12.44
N ARG B 142 -6.18 -29.81 -12.68
CA ARG B 142 -6.59 -30.87 -13.60
C ARG B 142 -6.10 -30.56 -15.01
N ASP B 143 -5.82 -31.62 -15.76
CA ASP B 143 -5.26 -31.47 -17.10
C ASP B 143 -6.19 -30.71 -18.03
N GLU B 144 -7.50 -30.79 -17.80
CA GLU B 144 -8.47 -30.15 -18.68
C GLU B 144 -8.37 -28.63 -18.64
N ALA B 145 -7.74 -28.06 -17.62
CA ALA B 145 -7.60 -26.61 -17.55
C ALA B 145 -6.70 -26.06 -18.65
N HIS B 146 -5.81 -26.89 -19.20
CA HIS B 146 -4.86 -26.46 -20.22
C HIS B 146 -5.39 -26.56 -21.63
N ASP B 147 -6.68 -26.89 -21.80
CA ASP B 147 -7.31 -26.97 -23.12
C ASP B 147 -8.20 -25.75 -23.29
N ALA B 148 -7.80 -24.85 -24.21
CA ALA B 148 -8.48 -23.56 -24.33
C ALA B 148 -9.91 -23.72 -24.84
N GLY B 149 -10.10 -24.56 -25.85
CA GLY B 149 -11.42 -24.70 -26.47
C GLY B 149 -12.35 -25.66 -25.77
N LEU B 150 -11.86 -26.40 -24.77
CA LEU B 150 -12.69 -27.39 -24.08
C LEU B 150 -13.72 -26.69 -23.21
N ASN B 151 -15.00 -26.89 -23.52
CA ASN B 151 -16.09 -26.24 -22.80
C ASN B 151 -16.63 -27.21 -21.76
N ILE B 152 -16.02 -27.19 -20.56
CA ILE B 152 -16.49 -27.98 -19.42
C ILE B 152 -16.57 -27.07 -18.20
N ALA B 153 -17.36 -27.50 -17.23
CA ALA B 153 -17.58 -26.74 -16.01
C ALA B 153 -16.48 -27.00 -14.98
N PHE B 154 -16.20 -25.97 -14.18
CA PHE B 154 -15.24 -26.04 -13.08
C PHE B 154 -13.87 -26.53 -13.55
N LYS B 155 -13.34 -25.81 -14.55
CA LYS B 155 -12.02 -26.14 -15.09
C LYS B 155 -10.90 -25.93 -14.07
N GLY B 156 -11.13 -25.14 -13.03
CA GLY B 156 -10.10 -24.81 -12.07
C GLY B 156 -9.91 -25.79 -10.93
N ASP B 157 -10.59 -26.93 -10.96
CA ASP B 157 -10.47 -27.89 -9.87
C ASP B 157 -9.06 -28.47 -9.79
N ILE B 158 -8.63 -28.74 -8.56
CA ILE B 158 -7.35 -29.39 -8.32
C ILE B 158 -7.49 -30.88 -8.60
N ASP B 159 -6.50 -31.44 -9.31
CA ASP B 159 -6.44 -32.88 -9.54
C ASP B 159 -6.01 -33.57 -8.25
N LEU B 160 -6.91 -34.34 -7.66
CA LEU B 160 -6.60 -34.99 -6.38
C LEU B 160 -5.51 -36.03 -6.52
N LYS B 161 -5.41 -36.68 -7.68
CA LYS B 161 -4.38 -37.68 -7.89
C LYS B 161 -3.00 -37.03 -8.00
N LYS B 162 -2.91 -35.87 -8.65
CA LYS B 162 -1.66 -35.13 -8.69
C LYS B 162 -1.22 -34.70 -7.29
N LEU B 163 -2.18 -34.25 -6.47
CA LEU B 163 -1.86 -33.86 -5.10
C LEU B 163 -1.42 -35.06 -4.28
N GLN B 164 -2.08 -36.21 -4.45
CA GLN B 164 -1.68 -37.41 -3.73
C GLN B 164 -0.27 -37.85 -4.11
N LYS B 165 0.08 -37.71 -5.39
CA LYS B 165 1.41 -38.11 -5.85
C LYS B 165 2.49 -37.23 -5.23
N LEU B 166 2.23 -35.93 -5.10
CA LEU B 166 3.20 -35.02 -4.50
C LEU B 166 3.45 -35.38 -3.04
N ILE B 167 2.38 -35.67 -2.28
CA ILE B 167 2.53 -35.99 -0.88
C ILE B 167 3.34 -37.26 -0.68
N ASP B 168 3.15 -38.25 -1.57
CA ASP B 168 3.86 -39.52 -1.43
C ASP B 168 5.33 -39.38 -1.78
N GLU B 169 5.64 -38.66 -2.86
CA GLU B 169 7.02 -38.57 -3.32
C GLU B 169 7.85 -37.63 -2.44
N LYS B 170 7.29 -36.50 -2.01
CA LYS B 170 8.05 -35.51 -1.26
C LYS B 170 7.81 -35.56 0.24
N GLY B 171 6.66 -36.05 0.68
CA GLY B 171 6.35 -36.04 2.10
C GLY B 171 5.55 -34.81 2.51
N ALA B 172 4.75 -34.99 3.55
CA ALA B 172 3.88 -33.90 4.01
C ALA B 172 4.66 -32.82 4.72
N GLU B 173 5.74 -33.17 5.43
CA GLU B 173 6.52 -32.17 6.14
C GLU B 173 7.28 -31.25 5.19
N ASN B 174 7.49 -31.66 3.95
CA ASN B 174 8.18 -30.86 2.95
C ASN B 174 7.22 -30.02 2.10
N ILE B 175 5.93 -29.98 2.46
CA ILE B 175 4.93 -29.21 1.72
C ILE B 175 4.50 -28.04 2.60
N ALA B 176 4.78 -26.82 2.12
CA ALA B 176 4.41 -25.63 2.86
C ALA B 176 2.90 -25.52 3.03
N TYR B 177 2.18 -25.42 1.91
CA TYR B 177 0.72 -25.36 1.93
C TYR B 177 0.21 -25.57 0.51
N ILE B 178 -1.11 -25.69 0.39
CA ILE B 178 -1.80 -25.74 -0.89
C ILE B 178 -2.43 -24.38 -1.15
N CYS B 179 -2.16 -23.81 -2.32
CA CYS B 179 -2.67 -22.50 -2.70
C CYS B 179 -3.82 -22.70 -3.69
N LEU B 180 -5.05 -22.60 -3.19
CA LEU B 180 -6.25 -22.81 -3.99
C LEU B 180 -6.82 -21.45 -4.39
N ALA B 181 -6.82 -21.17 -5.68
CA ALA B 181 -7.29 -19.88 -6.21
C ALA B 181 -8.73 -20.01 -6.68
N VAL B 182 -9.57 -19.04 -6.31
CA VAL B 182 -10.95 -18.95 -6.75
C VAL B 182 -11.22 -17.49 -7.11
N THR B 183 -11.46 -17.22 -8.39
CA THR B 183 -11.36 -18.20 -9.47
C THR B 183 -9.91 -18.34 -9.95
N VAL B 184 -9.70 -19.09 -11.02
CA VAL B 184 -8.38 -19.30 -11.59
C VAL B 184 -8.20 -18.32 -12.74
N ASN B 185 -7.41 -17.27 -12.50
CA ASN B 185 -7.28 -16.19 -13.48
C ASN B 185 -6.60 -16.69 -14.76
N LEU B 186 -5.51 -17.44 -14.61
CA LEU B 186 -4.69 -17.80 -15.77
C LEU B 186 -5.42 -18.78 -16.69
N ALA B 187 -6.33 -19.59 -16.15
CA ALA B 187 -7.14 -20.48 -16.97
C ALA B 187 -8.30 -19.75 -17.63
N GLY B 188 -8.44 -18.45 -17.41
CA GLY B 188 -9.53 -17.69 -17.97
C GLY B 188 -10.64 -17.31 -17.01
N GLY B 189 -10.36 -17.29 -15.71
CA GLY B 189 -11.39 -17.03 -14.72
C GLY B 189 -12.30 -18.22 -14.47
N GLN B 190 -11.74 -19.43 -14.45
CA GLN B 190 -12.54 -20.65 -14.35
C GLN B 190 -12.79 -21.00 -12.89
N PRO B 191 -14.01 -21.41 -12.55
CA PRO B 191 -14.38 -21.62 -11.14
C PRO B 191 -13.91 -22.98 -10.63
N VAL B 192 -13.95 -23.10 -9.29
CA VAL B 192 -13.63 -24.33 -8.58
C VAL B 192 -14.89 -24.81 -7.86
N SER B 193 -15.15 -26.11 -7.93
CA SER B 193 -16.35 -26.66 -7.32
C SER B 193 -16.18 -26.80 -5.82
N MET B 194 -17.30 -26.71 -5.10
CA MET B 194 -17.27 -26.93 -3.65
C MET B 194 -16.84 -28.34 -3.32
N ALA B 195 -17.23 -29.32 -4.15
CA ALA B 195 -16.83 -30.70 -3.91
C ALA B 195 -15.32 -30.86 -4.00
N ASN B 196 -14.69 -30.12 -4.91
CA ASN B 196 -13.23 -30.15 -5.00
C ASN B 196 -12.59 -29.50 -3.79
N MET B 197 -13.18 -28.40 -3.31
CA MET B 197 -12.66 -27.74 -2.11
C MET B 197 -12.79 -28.66 -0.89
N ARG B 198 -13.91 -29.37 -0.77
CA ARG B 198 -14.07 -30.29 0.34
C ARG B 198 -13.11 -31.47 0.26
N ALA B 199 -12.83 -31.94 -0.96
CA ALA B 199 -11.93 -33.07 -1.13
C ALA B 199 -10.49 -32.70 -0.82
N VAL B 200 -10.07 -31.50 -1.24
CA VAL B 200 -8.71 -31.05 -0.93
C VAL B 200 -8.54 -30.91 0.59
N ARG B 201 -9.52 -30.30 1.25
CA ARG B 201 -9.47 -30.20 2.70
C ARG B 201 -9.45 -31.57 3.36
N GLU B 202 -10.14 -32.56 2.76
CA GLU B 202 -10.13 -33.91 3.32
C GLU B 202 -8.73 -34.53 3.23
N LEU B 203 -8.06 -34.37 2.09
CA LEU B 203 -6.77 -35.02 1.88
C LEU B 203 -5.66 -34.33 2.65
N THR B 204 -5.66 -33.00 2.68
CA THR B 204 -4.57 -32.27 3.33
C THR B 204 -4.66 -32.39 4.85
N ALA B 205 -5.86 -32.35 5.41
CA ALA B 205 -6.02 -32.45 6.86
C ALA B 205 -5.55 -33.80 7.38
N ALA B 206 -5.65 -34.86 6.56
CA ALA B 206 -5.16 -36.17 6.98
C ALA B 206 -3.64 -36.23 7.04
N HIS B 207 -2.96 -35.31 6.38
CA HIS B 207 -1.49 -35.25 6.40
C HIS B 207 -0.96 -34.02 7.13
N GLY B 208 -1.83 -33.26 7.79
CA GLY B 208 -1.38 -32.08 8.51
C GLY B 208 -0.91 -30.95 7.61
N ILE B 209 -1.47 -30.83 6.42
CA ILE B 209 -1.08 -29.80 5.45
C ILE B 209 -2.09 -28.67 5.49
N LYS B 210 -1.60 -27.44 5.50
CA LYS B 210 -2.46 -26.26 5.53
C LYS B 210 -2.94 -25.90 4.13
N VAL B 211 -4.11 -25.28 4.07
CA VAL B 211 -4.71 -24.83 2.82
C VAL B 211 -5.03 -23.35 2.96
N PHE B 212 -4.50 -22.53 2.05
CA PHE B 212 -4.78 -21.11 2.00
C PHE B 212 -5.40 -20.76 0.66
N TYR B 213 -6.45 -19.95 0.69
CA TYR B 213 -7.17 -19.57 -0.52
C TYR B 213 -6.66 -18.26 -1.08
N ASP B 214 -6.60 -18.17 -2.40
CA ASP B 214 -6.47 -16.91 -3.12
C ASP B 214 -7.88 -16.53 -3.51
N ALA B 215 -8.54 -15.73 -2.67
CA ALA B 215 -9.98 -15.51 -2.75
C ALA B 215 -10.33 -14.26 -3.53
N THR B 216 -9.44 -13.79 -4.40
CA THR B 216 -9.64 -12.51 -5.08
CA THR B 216 -9.63 -12.52 -5.08
C THR B 216 -11.00 -12.41 -5.75
N ARG B 217 -11.44 -13.48 -6.42
CA ARG B 217 -12.71 -13.49 -7.13
C ARG B 217 -13.63 -14.59 -6.61
N CYS B 218 -13.70 -14.74 -5.29
CA CYS B 218 -14.49 -15.80 -4.68
C CYS B 218 -15.99 -15.59 -4.87
N VAL B 219 -16.45 -14.34 -4.98
CA VAL B 219 -17.87 -14.09 -5.17
C VAL B 219 -18.31 -14.59 -6.55
N GLU B 220 -17.54 -14.27 -7.58
CA GLU B 220 -17.83 -14.83 -8.90
C GLU B 220 -17.79 -16.35 -8.87
N ASN B 221 -16.83 -16.92 -8.12
CA ASN B 221 -16.78 -18.37 -7.99
C ASN B 221 -18.03 -18.91 -7.30
N ALA B 222 -18.51 -18.19 -6.28
CA ALA B 222 -19.70 -18.62 -5.56
C ALA B 222 -20.93 -18.64 -6.45
N TYR B 223 -21.01 -17.71 -7.40
CA TYR B 223 -22.15 -17.71 -8.30
C TYR B 223 -22.14 -18.93 -9.21
N PHE B 224 -20.95 -19.32 -9.70
CA PHE B 224 -20.87 -20.51 -10.54
C PHE B 224 -21.30 -21.75 -9.78
N ILE B 225 -21.00 -21.82 -8.49
CA ILE B 225 -21.45 -22.95 -7.68
C ILE B 225 -22.98 -22.95 -7.59
N LYS B 226 -23.57 -21.78 -7.34
CA LYS B 226 -25.03 -21.71 -7.26
C LYS B 226 -25.69 -22.01 -8.59
N GLU B 227 -25.03 -21.66 -9.70
CA GLU B 227 -25.67 -21.79 -11.01
C GLU B 227 -25.52 -23.20 -11.58
N GLN B 228 -24.38 -23.84 -11.37
CA GLN B 228 -24.04 -25.05 -12.12
C GLN B 228 -23.79 -26.29 -11.27
N GLU B 229 -23.53 -26.15 -9.98
CA GLU B 229 -23.29 -27.31 -9.14
C GLU B 229 -24.59 -27.72 -8.46
N GLN B 230 -25.00 -28.98 -8.67
CA GLN B 230 -26.26 -29.45 -8.11
C GLN B 230 -26.21 -29.53 -6.60
N GLY B 231 -27.28 -29.07 -5.96
CA GLY B 231 -27.38 -29.06 -4.51
C GLY B 231 -27.20 -27.70 -3.87
N PHE B 232 -26.78 -26.69 -4.62
CA PHE B 232 -26.57 -25.35 -4.10
C PHE B 232 -27.55 -24.34 -4.68
N GLU B 233 -28.54 -24.80 -5.46
CA GLU B 233 -29.49 -23.88 -6.09
C GLU B 233 -30.40 -23.18 -5.09
N ASN B 234 -30.55 -23.74 -3.88
CA ASN B 234 -31.35 -23.11 -2.84
C ASN B 234 -30.52 -22.28 -1.87
N LYS B 235 -29.20 -22.25 -2.05
CA LYS B 235 -28.30 -21.55 -1.13
C LYS B 235 -28.06 -20.12 -1.59
N SER B 236 -27.98 -19.20 -0.64
CA SER B 236 -27.65 -17.83 -0.96
C SER B 236 -26.16 -17.71 -1.28
N ILE B 237 -25.79 -16.60 -1.93
CA ILE B 237 -24.39 -16.37 -2.23
C ILE B 237 -23.56 -16.34 -0.95
N ALA B 238 -24.09 -15.70 0.10
CA ALA B 238 -23.37 -15.62 1.37
C ALA B 238 -23.16 -16.99 1.98
N GLU B 239 -24.18 -17.86 1.94
CA GLU B 239 -24.04 -19.20 2.49
C GLU B 239 -22.97 -19.99 1.75
N ILE B 240 -22.90 -19.83 0.43
CA ILE B 240 -21.90 -20.54 -0.35
C ILE B 240 -20.50 -20.02 -0.05
N VAL B 241 -20.35 -18.69 0.03
CA VAL B 241 -19.04 -18.11 0.35
C VAL B 241 -18.56 -18.59 1.70
N HIS B 242 -19.45 -18.59 2.70
CA HIS B 242 -19.06 -18.98 4.05
C HIS B 242 -18.64 -20.44 4.09
N GLU B 243 -19.31 -21.30 3.33
CA GLU B 243 -18.94 -22.72 3.30
C GLU B 243 -17.63 -22.93 2.54
N MET B 244 -17.38 -22.13 1.50
CA MET B 244 -16.12 -22.24 0.77
C MET B 244 -14.93 -22.08 1.70
N PHE B 245 -14.92 -21.03 2.52
CA PHE B 245 -13.80 -20.74 3.39
C PHE B 245 -13.72 -21.65 4.61
N SER B 246 -14.76 -22.45 4.87
CA SER B 246 -14.70 -23.41 5.97
C SER B 246 -13.75 -24.56 5.67
N TYR B 247 -13.24 -24.67 4.45
CA TYR B 247 -12.25 -25.68 4.09
C TYR B 247 -10.85 -25.11 3.97
N ALA B 248 -10.62 -23.90 4.45
CA ALA B 248 -9.32 -23.25 4.38
C ALA B 248 -8.89 -22.79 5.76
N ASP B 249 -7.58 -22.79 6.00
CA ASP B 249 -7.00 -22.25 7.21
C ASP B 249 -6.72 -20.76 7.12
N GLY B 250 -6.93 -20.16 5.95
CA GLY B 250 -6.69 -18.73 5.79
C GLY B 250 -6.95 -18.34 4.34
N CYS B 251 -6.73 -17.05 4.06
CA CYS B 251 -6.91 -16.55 2.71
C CYS B 251 -6.15 -15.26 2.52
N THR B 252 -5.82 -14.97 1.27
CA THR B 252 -5.35 -13.66 0.83
C THR B 252 -6.39 -13.08 -0.11
N MET B 253 -6.80 -11.85 0.15
CA MET B 253 -7.89 -11.23 -0.60
C MET B 253 -7.42 -9.92 -1.21
N SER B 254 -7.79 -9.70 -2.46
CA SER B 254 -7.64 -8.40 -3.12
C SER B 254 -9.02 -7.78 -3.22
N GLY B 255 -9.29 -6.80 -2.35
CA GLY B 255 -10.54 -6.09 -2.41
C GLY B 255 -10.77 -5.37 -3.72
N LYS B 256 -9.71 -5.07 -4.46
CA LYS B 256 -9.83 -4.38 -5.74
C LYS B 256 -10.64 -5.16 -6.76
N LYS B 257 -11.03 -6.41 -6.46
CA LYS B 257 -11.86 -7.19 -7.37
C LYS B 257 -13.24 -7.31 -6.75
N ASP B 258 -13.57 -8.40 -6.06
CA ASP B 258 -14.95 -8.66 -5.69
C ASP B 258 -15.42 -7.91 -4.45
N CYS B 259 -14.60 -7.05 -3.87
CA CYS B 259 -15.07 -6.18 -2.80
C CYS B 259 -15.56 -4.82 -3.32
N LEU B 260 -15.53 -4.61 -4.64
CA LEU B 260 -16.17 -3.46 -5.28
C LEU B 260 -15.56 -2.13 -4.82
N VAL B 261 -14.22 -2.10 -4.70
CA VAL B 261 -13.49 -0.90 -4.34
C VAL B 261 -12.34 -0.69 -5.32
N ASN B 262 -11.68 0.45 -5.16
CA ASN B 262 -10.57 0.85 -6.04
C ASN B 262 -9.21 0.62 -5.42
N ILE B 263 -9.16 0.20 -4.15
CA ILE B 263 -7.90 -0.10 -3.46
C ILE B 263 -8.26 -0.91 -2.21
N GLY B 264 -7.36 -1.80 -1.82
CA GLY B 264 -7.55 -2.55 -0.58
C GLY B 264 -7.43 -4.06 -0.70
N GLY B 265 -7.05 -4.68 0.43
CA GLY B 265 -6.97 -6.12 0.54
C GLY B 265 -6.82 -6.50 1.99
N PHE B 266 -6.71 -7.80 2.25
CA PHE B 266 -6.48 -8.25 3.62
C PHE B 266 -6.02 -9.70 3.61
N LEU B 267 -5.51 -10.12 4.77
CA LEU B 267 -5.03 -11.48 5.01
C LEU B 267 -5.81 -12.07 6.17
N CYS B 268 -6.36 -13.27 5.97
CA CYS B 268 -7.13 -13.96 7.01
C CYS B 268 -6.44 -15.26 7.40
N MET B 269 -6.67 -15.67 8.64
CA MET B 269 -6.18 -16.95 9.14
C MET B 269 -6.92 -17.29 10.42
N ASN B 270 -6.81 -18.56 10.82
CA ASN B 270 -7.42 -19.03 12.05
C ASN B 270 -6.44 -19.28 13.18
N ASP B 271 -5.16 -19.54 12.87
CA ASP B 271 -4.20 -19.86 13.91
C ASP B 271 -3.82 -18.60 14.68
N ASP B 272 -3.73 -18.74 16.01
CA ASP B 272 -3.44 -17.60 16.87
C ASP B 272 -1.97 -17.20 16.82
N GLU B 273 -1.07 -18.19 16.85
CA GLU B 273 0.36 -17.86 16.81
C GLU B 273 0.75 -17.23 15.48
N MET B 274 0.22 -17.74 14.37
CA MET B 274 0.52 -17.16 13.07
C MET B 274 -0.04 -15.75 12.95
N PHE B 275 -1.21 -15.50 13.56
CA PHE B 275 -1.75 -14.14 13.59
C PHE B 275 -0.86 -13.21 14.41
N SER B 276 -0.25 -13.73 15.47
CA SER B 276 0.67 -12.91 16.27
C SER B 276 1.90 -12.52 15.46
N SER B 277 2.42 -13.45 14.66
CA SER B 277 3.57 -13.13 13.80
C SER B 277 3.16 -12.23 12.65
N ALA B 278 1.93 -12.35 12.16
CA ALA B 278 1.47 -11.50 11.08
C ALA B 278 1.39 -10.03 11.52
N LYS B 279 1.03 -9.79 12.78
CA LYS B 279 0.96 -8.42 13.27
C LYS B 279 2.34 -7.80 13.40
N GLU B 280 3.36 -8.61 13.67
CA GLU B 280 4.72 -8.07 13.73
C GLU B 280 5.27 -7.77 12.35
N LEU B 281 4.84 -8.52 11.33
CA LEU B 281 5.35 -8.33 9.98
C LEU B 281 4.62 -7.26 9.20
N VAL B 282 3.34 -7.01 9.52
CA VAL B 282 2.57 -6.04 8.75
C VAL B 282 3.05 -4.62 9.01
N VAL B 283 3.55 -4.34 10.23
CA VAL B 283 4.02 -3.00 10.55
C VAL B 283 5.30 -2.67 9.79
N VAL B 284 5.99 -3.68 9.25
CA VAL B 284 7.20 -3.44 8.48
C VAL B 284 6.87 -3.02 7.04
N TYR B 285 5.90 -3.69 6.42
CA TYR B 285 5.63 -3.50 5.00
C TYR B 285 4.39 -2.67 4.70
N GLU B 286 3.35 -2.78 5.52
N GLU B 286 3.34 -2.78 5.51
CA GLU B 286 2.08 -2.12 5.24
CA GLU B 286 2.07 -2.12 5.24
C GLU B 286 1.76 -1.03 6.26
C GLU B 286 1.74 -1.04 6.26
N GLY B 287 1.72 -1.39 7.54
CA GLY B 287 1.38 -0.43 8.58
C GLY B 287 0.84 -1.16 9.79
N MET B 288 0.16 -0.40 10.65
N MET B 288 0.17 -0.40 10.66
CA MET B 288 -0.40 -0.98 11.86
CA MET B 288 -0.40 -0.98 11.86
C MET B 288 -1.46 -2.02 11.52
C MET B 288 -1.44 -2.04 11.52
N PRO B 289 -1.63 -3.04 12.37
CA PRO B 289 -2.67 -4.05 12.12
C PRO B 289 -4.08 -3.47 12.07
N SER B 290 -4.28 -2.24 12.52
CA SER B 290 -5.58 -1.58 12.51
C SER B 290 -5.80 -0.71 11.28
N TYR B 291 -4.82 -0.59 10.39
CA TYR B 291 -5.07 0.05 9.10
C TYR B 291 -4.32 -0.57 7.93
N GLY B 292 -3.12 -1.12 8.14
CA GLY B 292 -2.44 -1.93 7.14
C GLY B 292 -2.24 -1.29 5.78
N GLY B 293 -1.77 -0.05 5.76
CA GLY B 293 -1.52 0.62 4.50
C GLY B 293 -2.76 1.18 3.83
N LEU B 294 -3.84 1.33 4.57
CA LEU B 294 -5.10 1.81 4.03
C LEU B 294 -5.59 3.02 4.82
N ALA B 295 -6.18 3.97 4.11
CA ALA B 295 -6.92 5.04 4.78
C ALA B 295 -8.16 4.47 5.45
N GLY B 296 -8.61 5.12 6.53
CA GLY B 296 -9.80 4.66 7.22
C GLY B 296 -11.01 4.56 6.30
N ARG B 297 -11.22 5.57 5.45
CA ARG B 297 -12.37 5.57 4.56
C ARG B 297 -12.34 4.39 3.59
N ASP B 298 -11.14 3.90 3.26
CA ASP B 298 -11.03 2.78 2.33
C ASP B 298 -11.35 1.45 3.00
N MET B 299 -10.98 1.28 4.27
CA MET B 299 -11.45 0.12 5.01
C MET B 299 -12.96 0.13 5.13
N GLU B 300 -13.56 1.31 5.26
CA GLU B 300 -15.01 1.42 5.34
C GLU B 300 -15.66 1.05 4.02
N ALA B 301 -15.15 1.57 2.91
CA ALA B 301 -15.72 1.25 1.60
C ALA B 301 -15.59 -0.23 1.29
N MET B 302 -14.47 -0.85 1.67
CA MET B 302 -14.29 -2.28 1.41
C MET B 302 -15.23 -3.11 2.28
N ALA B 303 -15.49 -2.67 3.51
CA ALA B 303 -16.44 -3.40 4.36
C ALA B 303 -17.85 -3.30 3.80
N ILE B 304 -18.23 -2.12 3.31
CA ILE B 304 -19.56 -1.96 2.71
C ILE B 304 -19.63 -2.72 1.38
N GLY B 305 -18.57 -2.64 0.57
CA GLY B 305 -18.60 -3.29 -0.72
C GLY B 305 -18.65 -4.81 -0.65
N LEU B 306 -17.94 -5.38 0.33
CA LEU B 306 -17.96 -6.83 0.49
C LEU B 306 -19.37 -7.34 0.76
N ARG B 307 -20.16 -6.58 1.52
CA ARG B 307 -21.53 -6.99 1.80
C ARG B 307 -22.43 -6.81 0.58
N GLU B 308 -22.19 -5.77 -0.21
CA GLU B 308 -22.97 -5.57 -1.42
C GLU B 308 -22.72 -6.66 -2.44
N ALA B 309 -21.51 -7.23 -2.46
CA ALA B 309 -21.19 -8.28 -3.42
C ALA B 309 -21.98 -9.55 -3.17
N MET B 310 -22.51 -9.74 -1.97
CA MET B 310 -23.29 -10.93 -1.63
C MET B 310 -24.69 -10.94 -2.22
N GLN B 311 -25.18 -9.80 -2.73
CA GLN B 311 -26.50 -9.78 -3.34
C GLN B 311 -26.52 -10.60 -4.61
N TYR B 312 -27.48 -11.53 -4.70
CA TYR B 312 -27.52 -12.44 -5.84
C TYR B 312 -27.70 -11.69 -7.16
N GLU B 313 -28.58 -10.69 -7.18
CA GLU B 313 -28.86 -9.97 -8.42
C GLU B 313 -27.62 -9.25 -8.94
N TYR B 314 -26.81 -8.67 -8.05
CA TYR B 314 -25.58 -8.01 -8.49
C TYR B 314 -24.65 -9.00 -9.18
N ILE B 315 -24.36 -10.13 -8.53
CA ILE B 315 -23.33 -11.02 -9.06
C ILE B 315 -23.85 -11.76 -10.28
N GLU B 316 -25.15 -12.05 -10.33
CA GLU B 316 -25.73 -12.65 -11.53
C GLU B 316 -25.57 -11.73 -12.73
N HIS B 317 -25.84 -10.43 -12.55
CA HIS B 317 -25.68 -9.50 -13.65
C HIS B 317 -24.23 -9.31 -14.03
N ARG B 318 -23.33 -9.24 -13.04
CA ARG B 318 -21.90 -9.12 -13.32
C ARG B 318 -21.44 -10.24 -14.24
N VAL B 319 -21.76 -11.49 -13.88
CA VAL B 319 -21.28 -12.64 -14.64
C VAL B 319 -21.98 -12.71 -15.99
N LYS B 320 -23.29 -12.49 -16.04
CA LYS B 320 -24.02 -12.59 -17.30
C LYS B 320 -23.72 -11.42 -18.23
N GLN B 321 -23.22 -10.30 -17.71
CA GLN B 321 -22.76 -9.24 -18.59
C GLN B 321 -21.51 -9.67 -19.36
N VAL B 322 -20.58 -10.34 -18.69
CA VAL B 322 -19.43 -10.91 -19.38
C VAL B 322 -19.86 -12.00 -20.33
N ARG B 323 -20.80 -12.85 -19.91
CA ARG B 323 -21.29 -13.92 -20.77
C ARG B 323 -21.96 -13.37 -22.01
N TYR B 324 -22.67 -12.24 -21.88
CA TYR B 324 -23.30 -11.61 -23.04
C TYR B 324 -22.26 -11.25 -24.09
N LEU B 325 -21.16 -10.63 -23.66
CA LEU B 325 -20.10 -10.28 -24.60
C LEU B 325 -19.51 -11.52 -25.26
N GLY B 326 -19.31 -12.58 -24.48
CA GLY B 326 -18.77 -13.80 -25.05
C GLY B 326 -19.74 -14.49 -26.00
N ASP B 327 -21.04 -14.46 -25.67
CA ASP B 327 -22.02 -15.10 -26.53
C ASP B 327 -22.18 -14.37 -27.85
N LYS B 328 -22.13 -13.03 -27.82
CA LYS B 328 -22.27 -12.28 -29.06
C LYS B 328 -21.08 -12.51 -29.98
N LEU B 329 -19.88 -12.60 -29.41
CA LEU B 329 -18.70 -12.90 -30.21
C LEU B 329 -18.76 -14.31 -30.78
N LYS B 330 -19.19 -15.28 -29.95
CA LYS B 330 -19.27 -16.67 -30.41
C LYS B 330 -20.33 -16.85 -31.48
N ALA B 331 -21.47 -16.18 -31.34
CA ALA B 331 -22.55 -16.31 -32.32
C ALA B 331 -22.15 -15.78 -33.68
N ALA B 332 -21.18 -14.86 -33.75
CA ALA B 332 -20.69 -14.33 -35.01
C ALA B 332 -19.48 -15.08 -35.54
N GLY B 333 -18.99 -16.08 -34.81
CA GLY B 333 -17.87 -16.87 -35.26
C GLY B 333 -16.50 -16.41 -34.79
N VAL B 334 -16.44 -15.50 -33.84
CA VAL B 334 -15.16 -15.00 -33.34
C VAL B 334 -14.57 -16.03 -32.38
N PRO B 335 -13.30 -16.42 -32.54
CA PRO B 335 -12.71 -17.45 -31.66
C PRO B 335 -12.36 -16.87 -30.30
N ILE B 336 -12.93 -17.46 -29.24
CA ILE B 336 -12.69 -17.03 -27.87
C ILE B 336 -12.31 -18.26 -27.05
N VAL B 337 -11.65 -18.00 -25.91
CA VAL B 337 -11.40 -19.04 -24.94
C VAL B 337 -12.72 -19.45 -24.29
N GLU B 338 -12.93 -20.75 -24.14
CA GLU B 338 -14.17 -21.28 -23.60
C GLU B 338 -13.89 -22.20 -22.42
N PRO B 339 -14.79 -22.24 -21.44
CA PRO B 339 -15.97 -21.37 -21.38
C PRO B 339 -15.61 -19.97 -20.90
N VAL B 340 -16.53 -19.01 -21.10
CA VAL B 340 -16.28 -17.64 -20.67
C VAL B 340 -16.20 -17.60 -19.16
N GLY B 341 -15.16 -16.95 -18.64
CA GLY B 341 -14.98 -16.83 -17.21
C GLY B 341 -15.88 -15.77 -16.60
N GLY B 342 -15.67 -15.56 -15.30
CA GLY B 342 -16.51 -14.64 -14.55
C GLY B 342 -16.17 -13.18 -14.73
N HIS B 343 -14.94 -12.86 -15.14
CA HIS B 343 -14.48 -11.47 -15.17
C HIS B 343 -13.97 -10.98 -16.51
N ALA B 344 -13.82 -11.86 -17.50
CA ALA B 344 -13.21 -11.43 -18.76
C ALA B 344 -13.55 -12.41 -19.87
N VAL B 345 -13.48 -11.92 -21.10
CA VAL B 345 -13.51 -12.72 -22.31
C VAL B 345 -12.12 -12.67 -22.94
N PHE B 346 -11.60 -13.82 -23.33
CA PHE B 346 -10.28 -13.92 -23.96
C PHE B 346 -10.46 -14.25 -25.43
N LEU B 347 -10.02 -13.34 -26.30
CA LEU B 347 -9.98 -13.62 -27.73
C LEU B 347 -8.76 -14.48 -28.06
N ASP B 348 -8.95 -15.45 -28.95
CA ASP B 348 -7.85 -16.28 -29.44
C ASP B 348 -7.21 -15.56 -30.62
N ALA B 349 -6.10 -14.86 -30.35
CA ALA B 349 -5.46 -14.06 -31.39
C ALA B 349 -4.74 -14.92 -32.42
N ARG B 350 -4.30 -16.12 -32.04
CA ARG B 350 -3.67 -17.01 -33.02
C ARG B 350 -4.65 -17.40 -34.11
N ARG B 351 -5.88 -17.75 -33.73
CA ARG B 351 -6.91 -18.06 -34.71
C ARG B 351 -7.47 -16.79 -35.35
N PHE B 352 -7.53 -15.69 -34.59
CA PHE B 352 -8.00 -14.42 -35.14
C PHE B 352 -7.07 -13.93 -36.24
N CYS B 353 -5.76 -13.98 -35.99
CA CYS B 353 -4.76 -13.52 -36.95
C CYS B 353 -3.94 -14.73 -37.40
N GLU B 354 -4.62 -15.66 -38.09
CA GLU B 354 -3.95 -16.86 -38.57
C GLU B 354 -2.88 -16.54 -39.60
N HIS B 355 -3.04 -15.43 -40.33
CA HIS B 355 -2.07 -15.04 -41.35
C HIS B 355 -0.79 -14.46 -40.76
N LEU B 356 -0.65 -14.42 -39.43
CA LEU B 356 0.53 -13.88 -38.77
C LEU B 356 1.13 -14.93 -37.85
N THR B 357 2.44 -14.87 -37.68
CA THR B 357 3.14 -15.76 -36.78
C THR B 357 3.25 -15.12 -35.40
N GLN B 358 3.57 -15.94 -34.40
CA GLN B 358 3.69 -15.44 -33.04
C GLN B 358 4.84 -14.45 -32.89
N ASP B 359 5.83 -14.51 -33.78
CA ASP B 359 6.92 -13.53 -33.79
C ASP B 359 6.47 -12.18 -34.31
N GLU B 360 5.32 -12.11 -34.98
CA GLU B 360 4.77 -10.85 -35.48
C GLU B 360 3.78 -10.24 -34.51
N PHE B 361 3.64 -10.82 -33.31
CA PHE B 361 2.85 -10.31 -32.20
C PHE B 361 1.39 -10.09 -32.60
N PRO B 362 0.65 -11.15 -32.92
CA PRO B 362 -0.74 -10.94 -33.36
C PRO B 362 -1.64 -10.40 -32.26
N ALA B 363 -1.44 -10.84 -31.00
CA ALA B 363 -2.28 -10.33 -29.92
C ALA B 363 -2.03 -8.85 -29.67
N GLN B 364 -0.76 -8.43 -29.70
CA GLN B 364 -0.45 -7.02 -29.53
C GLN B 364 -1.00 -6.19 -30.68
N SER B 365 -0.97 -6.74 -31.90
CA SER B 365 -1.50 -6.01 -33.05
C SER B 365 -3.02 -5.96 -33.04
N LEU B 366 -3.67 -7.04 -32.58
CA LEU B 366 -5.12 -7.04 -32.51
C LEU B 366 -5.62 -6.07 -31.46
N ALA B 367 -4.93 -5.99 -30.32
CA ALA B 367 -5.31 -5.02 -29.28
C ALA B 367 -5.20 -3.58 -29.81
N ALA B 368 -4.17 -3.31 -30.61
CA ALA B 368 -4.02 -1.97 -31.18
C ALA B 368 -5.17 -1.64 -32.13
N SER B 369 -5.55 -2.59 -32.98
CA SER B 369 -6.64 -2.36 -33.93
C SER B 369 -7.98 -2.19 -33.21
N ILE B 370 -8.18 -2.92 -32.10
CA ILE B 370 -9.43 -2.81 -31.36
C ILE B 370 -9.63 -1.39 -30.84
N TYR B 371 -8.56 -0.78 -30.31
CA TYR B 371 -8.68 0.59 -29.81
C TYR B 371 -8.99 1.57 -30.94
N VAL B 372 -8.25 1.46 -32.05
CA VAL B 372 -8.40 2.41 -33.14
C VAL B 372 -9.80 2.36 -33.73
N GLU B 373 -10.42 1.19 -33.74
CA GLU B 373 -11.73 1.04 -34.36
C GLU B 373 -12.89 1.30 -33.41
N THR B 374 -12.70 1.17 -32.10
CA THR B 374 -13.78 1.31 -31.14
C THR B 374 -13.49 2.24 -29.97
N GLY B 375 -12.23 2.58 -29.70
CA GLY B 375 -11.92 3.27 -28.47
C GLY B 375 -11.90 2.38 -27.26
N VAL B 376 -11.75 1.07 -27.46
CA VAL B 376 -11.71 0.10 -26.38
C VAL B 376 -10.27 -0.31 -26.13
N ARG B 377 -9.84 -0.22 -24.87
CA ARG B 377 -8.52 -0.71 -24.48
C ARG B 377 -8.65 -2.12 -23.94
N SER B 378 -7.80 -3.03 -24.42
CA SER B 378 -7.72 -4.39 -23.93
C SER B 378 -6.26 -4.69 -23.62
N MET B 379 -6.02 -5.82 -22.97
CA MET B 379 -4.68 -6.19 -22.56
C MET B 379 -4.17 -7.36 -23.40
N GLU B 380 -2.95 -7.23 -23.91
CA GLU B 380 -2.29 -8.35 -24.54
C GLU B 380 -1.88 -9.37 -23.49
N ARG B 381 -2.17 -10.65 -23.75
CA ARG B 381 -1.76 -11.76 -22.88
C ARG B 381 -1.20 -12.87 -23.78
N GLY B 382 -0.04 -12.60 -24.36
CA GLY B 382 0.60 -13.53 -25.29
C GLY B 382 2.10 -13.49 -25.18
N ILE B 383 2.77 -13.52 -26.33
CA ILE B 383 4.22 -13.62 -26.36
C ILE B 383 4.89 -12.38 -25.75
N ILE B 384 4.27 -11.21 -25.89
CA ILE B 384 4.88 -9.99 -25.35
C ILE B 384 4.89 -10.02 -23.83
N SER B 385 3.73 -10.25 -23.22
N SER B 385 3.73 -10.25 -23.22
CA SER B 385 3.65 -10.34 -21.77
CA SER B 385 3.66 -10.35 -21.77
C SER B 385 4.36 -11.59 -21.24
C SER B 385 4.36 -11.58 -21.23
N ALA B 386 4.60 -12.58 -22.08
CA ALA B 386 5.31 -13.78 -21.64
C ALA B 386 6.76 -13.47 -21.28
N GLY B 387 7.38 -12.54 -21.99
CA GLY B 387 8.74 -12.15 -21.68
C GLY B 387 9.77 -12.94 -22.45
N ARG B 388 11.02 -12.70 -22.09
CA ARG B 388 12.17 -13.39 -22.65
C ARG B 388 12.86 -14.20 -21.56
N ASN B 389 13.45 -15.32 -21.96
CA ASN B 389 14.32 -16.04 -21.05
C ASN B 389 15.63 -15.26 -20.99
N ASN B 390 16.07 -14.93 -19.78
CA ASN B 390 17.23 -14.07 -19.65
C ASN B 390 18.53 -14.81 -19.93
N VAL B 391 18.56 -16.13 -19.74
CA VAL B 391 19.77 -16.90 -20.03
C VAL B 391 19.96 -17.02 -21.54
N THR B 392 18.97 -17.58 -22.24
CA THR B 392 19.11 -17.80 -23.67
C THR B 392 18.85 -16.53 -24.49
N GLY B 393 17.99 -15.64 -23.99
CA GLY B 393 17.65 -14.43 -24.71
C GLY B 393 16.46 -14.58 -25.64
N GLU B 394 15.89 -15.77 -25.70
CA GLU B 394 14.78 -16.10 -26.59
C GLU B 394 13.45 -15.81 -25.89
N HIS B 395 12.43 -15.47 -26.68
CA HIS B 395 11.13 -15.21 -26.07
C HIS B 395 10.62 -16.47 -25.39
N HIS B 396 9.88 -16.28 -24.30
CA HIS B 396 9.01 -17.34 -23.84
C HIS B 396 7.86 -17.46 -24.81
N ARG B 397 7.51 -18.68 -25.18
CA ARG B 397 6.49 -18.91 -26.20
C ARG B 397 5.33 -19.68 -25.57
N PRO B 398 4.24 -19.01 -25.23
CA PRO B 398 3.10 -19.70 -24.62
C PRO B 398 2.09 -20.20 -25.64
N LYS B 399 1.42 -21.29 -25.26
CA LYS B 399 0.36 -21.84 -26.09
C LYS B 399 -0.79 -20.85 -26.24
N LEU B 400 -0.99 -19.99 -25.24
CA LEU B 400 -2.09 -19.03 -25.23
C LEU B 400 -1.59 -17.69 -25.77
N GLU B 401 -2.05 -17.33 -26.96
CA GLU B 401 -1.81 -16.02 -27.56
C GLU B 401 -3.17 -15.33 -27.61
N THR B 402 -3.48 -14.57 -26.56
CA THR B 402 -4.82 -14.06 -26.36
C THR B 402 -4.84 -12.56 -26.14
N VAL B 403 -6.02 -11.99 -26.28
CA VAL B 403 -6.32 -10.60 -25.94
C VAL B 403 -7.41 -10.64 -24.88
N ARG B 404 -7.16 -10.01 -23.74
CA ARG B 404 -8.06 -10.10 -22.60
C ARG B 404 -8.96 -8.87 -22.55
N LEU B 405 -10.27 -9.10 -22.57
CA LEU B 405 -11.28 -8.05 -22.39
C LEU B 405 -11.81 -8.18 -20.97
N THR B 406 -11.20 -7.45 -20.04
CA THR B 406 -11.52 -7.56 -18.62
C THR B 406 -12.53 -6.48 -18.25
N ILE B 407 -13.64 -6.90 -17.64
CA ILE B 407 -14.80 -6.04 -17.44
C ILE B 407 -14.80 -5.55 -15.98
N PRO B 408 -14.62 -4.26 -15.73
CA PRO B 408 -14.82 -3.74 -14.37
C PRO B 408 -16.27 -3.88 -13.93
N ARG B 409 -16.46 -3.95 -12.61
CA ARG B 409 -17.78 -4.20 -12.05
C ARG B 409 -18.59 -2.92 -11.94
N ARG B 410 -19.81 -2.93 -12.49
CA ARG B 410 -20.79 -1.86 -12.38
C ARG B 410 -20.36 -0.58 -13.08
N VAL B 411 -19.48 -0.67 -14.07
CA VAL B 411 -18.98 0.50 -14.77
C VAL B 411 -19.61 0.65 -16.15
N TYR B 412 -19.85 -0.47 -16.84
CA TYR B 412 -20.33 -0.44 -18.21
C TYR B 412 -21.69 -1.13 -18.32
N THR B 413 -22.36 -0.89 -19.44
CA THR B 413 -23.68 -1.40 -19.74
C THR B 413 -23.60 -2.39 -20.90
N TYR B 414 -24.75 -3.00 -21.21
CA TYR B 414 -24.82 -3.88 -22.38
C TYR B 414 -24.55 -3.12 -23.67
N ALA B 415 -24.93 -1.85 -23.74
CA ALA B 415 -24.66 -1.05 -24.93
C ALA B 415 -23.16 -0.86 -25.12
N HIS B 416 -22.40 -0.74 -24.03
CA HIS B 416 -20.95 -0.71 -24.13
C HIS B 416 -20.39 -2.04 -24.60
N MET B 417 -21.01 -3.14 -24.15
CA MET B 417 -20.59 -4.46 -24.64
C MET B 417 -20.87 -4.61 -26.13
N ASP B 418 -21.95 -4.01 -26.62
CA ASP B 418 -22.22 -4.05 -28.05
C ASP B 418 -21.18 -3.28 -28.83
N VAL B 419 -20.70 -2.15 -28.29
CA VAL B 419 -19.64 -1.40 -28.95
C VAL B 419 -18.40 -2.27 -29.11
N VAL B 420 -18.03 -2.99 -28.04
CA VAL B 420 -16.88 -3.87 -28.09
C VAL B 420 -17.12 -4.99 -29.09
N ALA B 421 -18.28 -5.63 -29.02
CA ALA B 421 -18.58 -6.78 -29.87
C ALA B 421 -18.67 -6.39 -31.34
N ASP B 422 -19.40 -5.31 -31.64
CA ASP B 422 -19.61 -4.91 -33.03
C ASP B 422 -18.31 -4.56 -33.72
N GLY B 423 -17.38 -3.92 -32.99
CA GLY B 423 -16.12 -3.54 -33.60
C GLY B 423 -15.20 -4.73 -33.81
N ILE B 424 -15.23 -5.69 -32.89
CA ILE B 424 -14.41 -6.89 -33.05
C ILE B 424 -14.97 -7.78 -34.15
N ILE B 425 -16.30 -7.91 -34.20
CA ILE B 425 -16.93 -8.68 -35.27
C ILE B 425 -16.64 -8.04 -36.62
N LYS B 426 -16.70 -6.71 -36.69
CA LYS B 426 -16.37 -6.03 -37.93
C LYS B 426 -14.90 -6.25 -38.30
N LEU B 427 -14.01 -6.25 -37.31
CA LEU B 427 -12.61 -6.55 -37.58
C LEU B 427 -12.43 -7.98 -38.06
N TYR B 428 -13.20 -8.93 -37.50
CA TYR B 428 -13.03 -10.33 -37.88
C TYR B 428 -13.47 -10.58 -39.31
N GLN B 429 -14.38 -9.75 -39.85
CA GLN B 429 -14.81 -9.94 -41.24
C GLN B 429 -13.73 -9.56 -42.23
N HIS B 430 -12.81 -8.68 -41.83
N HIS B 430 -12.81 -8.65 -41.86
CA HIS B 430 -11.68 -8.24 -42.65
CA HIS B 430 -11.67 -8.32 -42.70
C HIS B 430 -10.37 -8.49 -41.91
C HIS B 430 -10.39 -8.47 -41.90
N LYS B 431 -10.29 -9.60 -41.17
CA LYS B 431 -9.13 -9.84 -40.31
C LYS B 431 -7.83 -9.99 -41.08
N GLU B 432 -7.90 -10.28 -42.38
CA GLU B 432 -6.68 -10.41 -43.18
C GLU B 432 -5.94 -9.09 -43.34
N ASP B 433 -6.57 -7.96 -42.99
CA ASP B 433 -5.93 -6.65 -43.10
C ASP B 433 -5.08 -6.29 -41.89
N ILE B 434 -5.23 -7.01 -40.78
CA ILE B 434 -4.45 -6.71 -39.58
C ILE B 434 -2.99 -7.06 -39.83
N ARG B 435 -2.11 -6.11 -39.56
CA ARG B 435 -0.69 -6.24 -39.88
C ARG B 435 0.10 -6.63 -38.64
N GLY B 436 1.27 -7.24 -38.89
CA GLY B 436 2.17 -7.57 -37.81
C GLY B 436 2.89 -6.36 -37.26
N LEU B 437 3.54 -6.56 -36.12
CA LEU B 437 4.29 -5.51 -35.44
C LEU B 437 5.72 -5.95 -35.23
N LYS B 438 6.63 -4.96 -35.21
CA LYS B 438 8.03 -5.19 -34.92
C LYS B 438 8.46 -4.27 -33.78
N PHE B 439 9.39 -4.76 -32.96
CA PHE B 439 9.93 -3.98 -31.86
C PHE B 439 10.74 -2.81 -32.40
N ILE B 440 10.36 -1.59 -32.02
CA ILE B 440 11.22 -0.43 -32.21
C ILE B 440 11.88 -0.01 -30.89
N TYR B 441 11.35 -0.45 -29.75
CA TYR B 441 11.97 -0.25 -28.45
C TYR B 441 11.51 -1.37 -27.53
N GLU B 442 12.46 -2.03 -26.88
CA GLU B 442 12.15 -3.10 -25.94
C GLU B 442 12.98 -2.89 -24.68
N PRO B 443 12.36 -2.71 -23.52
CA PRO B 443 13.12 -2.58 -22.27
C PRO B 443 13.74 -3.91 -21.86
N LYS B 444 14.66 -3.81 -20.89
CA LYS B 444 15.34 -5.00 -20.39
C LYS B 444 14.37 -5.97 -19.72
N GLN B 445 13.38 -5.46 -19.00
CA GLN B 445 12.40 -6.30 -18.32
C GLN B 445 11.04 -5.62 -18.37
N LEU B 446 10.00 -6.41 -18.10
CA LEU B 446 8.62 -5.95 -18.08
C LEU B 446 8.28 -5.20 -19.37
N ARG B 447 8.59 -5.86 -20.49
CA ARG B 447 8.41 -5.21 -21.79
C ARG B 447 6.96 -4.93 -22.10
N ALA B 448 6.02 -5.65 -21.49
CA ALA B 448 4.61 -5.43 -21.79
C ALA B 448 4.20 -3.99 -21.50
N PHE B 449 4.80 -3.36 -20.49
CA PHE B 449 4.34 -2.07 -20.02
C PHE B 449 4.85 -0.91 -20.87
N THR B 450 6.10 -0.99 -21.37
CA THR B 450 6.72 0.16 -22.01
C THR B 450 7.32 -0.14 -23.39
N ALA B 451 7.07 -1.30 -23.97
CA ALA B 451 7.59 -1.56 -25.31
C ALA B 451 6.83 -0.75 -26.34
N ARG B 452 7.52 -0.40 -27.42
CA ARG B 452 6.94 0.33 -28.53
C ARG B 452 7.18 -0.45 -29.83
N PHE B 453 6.19 -0.40 -30.72
CA PHE B 453 6.21 -1.20 -31.93
C PHE B 453 5.98 -0.33 -33.16
N ASP B 454 6.08 -0.96 -34.32
CA ASP B 454 5.73 -0.35 -35.60
C ASP B 454 5.30 -1.46 -36.54
N TYR B 455 4.45 -1.10 -37.50
CA TYR B 455 3.88 -2.10 -38.39
C TYR B 455 4.98 -2.74 -39.24
N ILE B 456 4.70 -3.95 -39.71
CA ILE B 456 5.62 -4.67 -40.57
C ILE B 456 5.15 -4.59 -42.02
K K C . -5.06 7.55 7.96
K K D . -7.70 2.07 -8.85
N1 F0G E . 10.33 8.19 8.00
C2 F0G E . 10.02 8.99 9.09
C2A F0G E . 10.97 10.07 9.46
C3 F0G E . 8.88 8.80 9.80
O3 F0G E . 8.56 9.58 10.86
C4 F0G E . 7.95 7.73 9.43
C4A F0G E . 6.77 7.43 10.06
C5 F0G E . 8.33 6.93 8.29
C6 F0G E . 9.47 7.17 7.62
C5A F0G E . 7.45 5.80 7.82
O4P F0G E . 6.58 6.33 6.93
O1P F0G E . 5.38 4.25 6.15
O2P F0G E . 4.38 6.59 5.74
O3P F0G E . 4.46 5.61 8.13
N F0G E . 6.49 8.03 11.30
CA F0G E . 5.34 7.88 11.82
C F0G E . 5.28 8.45 13.19
CB F0G E . 4.65 6.61 11.65
OXT F0G E . 4.34 8.14 13.94
O F0G E . 6.23 9.22 13.50
P10 F0G E . 4.98 5.60 6.71
N1 PP3 F . -4.48 -13.17 -7.28
C2 PP3 F . -5.23 -13.17 -8.45
C2A PP3 F . -5.99 -14.38 -8.91
C3 PP3 F . -5.27 -11.94 -9.24
O3 PP3 F . -5.94 -11.87 -10.31
C4 PP3 F . -4.51 -10.81 -8.72
C4A PP3 F . -4.53 -9.56 -9.50
C5 PP3 F . -3.76 -10.88 -7.53
C6 PP3 F . -3.77 -12.11 -6.80
C5A PP3 F . -2.93 -9.65 -6.94
O4P PP3 F . -3.72 -8.93 -6.19
P PP3 F . -3.43 -6.99 -6.15
O1P PP3 F . -2.09 -6.85 -5.50
O2P PP3 F . -4.64 -6.64 -5.35
O3P PP3 F . -3.51 -6.74 -7.63
N PP3 F . -4.68 -9.51 -10.83
CA PP3 F . -4.69 -8.22 -11.59
C PP3 F . -5.12 -8.50 -13.17
O PP3 F . -4.84 -7.60 -13.98
CB PP3 F . -3.31 -7.52 -11.54
OXT PP3 F . -5.68 -9.57 -13.42
O22 P33 G . -35.62 -7.82 -20.10
C21 P33 G . -34.29 -7.51 -19.81
C20 P33 G . -33.59 -7.02 -21.08
O19 P33 G . -32.22 -6.86 -20.84
C18 P33 G . -31.42 -7.60 -21.71
C17 P33 G . -30.51 -6.67 -22.52
O16 P33 G . -29.70 -7.44 -23.37
C15 P33 G . -28.99 -6.71 -24.32
C14 P33 G . -29.89 -6.40 -25.52
O13 P33 G . -29.53 -5.17 -26.07
C12 P33 G . -30.54 -4.56 -26.82
C11 P33 G . -30.75 -3.13 -26.34
O10 P33 G . -29.69 -2.31 -26.75
C9 P33 G . -30.00 -1.49 -27.84
C8 P33 G . -29.05 -0.29 -27.86
O7 P33 G . -28.01 -0.53 -28.77
C6 P33 G . -26.82 0.15 -28.46
C5 P33 G . -25.65 -0.59 -29.10
O4 P33 G . -24.77 0.33 -29.70
C3 P33 G . -24.80 0.30 -31.10
C2 P33 G . -24.25 1.61 -31.66
O1 P33 G . -24.45 1.64 -33.04
#